data_8TCF
#
_entry.id   8TCF
#
loop_
_entity.id
_entity.type
_entity.pdbx_description
1 polymer 'Integrin alpha-V heavy chain'
2 polymer 'Integrin beta-8'
3 polymer 'Minibinder B8_BP_dslf'
4 branched alpha-D-mannopyranose-(1-2)-alpha-D-mannopyranose-(1-3)-[alpha-D-mannopyranose-(1-6)]beta-D-mannopyranose-(1-4)-2-acetamido-2-deoxy-beta-D-glucopyranose-(1-4)-2-acetamido-2-deoxy-beta-D-glucopyranose
5 branched 2-acetamido-2-deoxy-beta-D-glucopyranose-(1-4)-2-acetamido-2-deoxy-beta-D-glucopyranose
6 non-polymer 'CALCIUM ION'
7 non-polymer 2-acetamido-2-deoxy-beta-D-glucopyranose
8 non-polymer 'MAGNESIUM ION'
#
loop_
_entity_poly.entity_id
_entity_poly.type
_entity_poly.pdbx_seq_one_letter_code
_entity_poly.pdbx_strand_id
1 'polypeptide(L)'
;FNLDVDSPAEYSGPEGSYFGFAVDFFVPSASSRMFLLVGAPKANTTQPGIVEGGQVLKCDWSSTRRCQPIEFDATGNRDY
AKDDPLEFKSHQWFGASVRSKQDKILACAPLYHWRTEMKQEREPVGTCFLQDGTKTVEYAPCRSQDIDADGQGFCQGGFS
IDFTKADRVLLGGPGSFYWQGQLISDQVAEIVSKYDPNVYSIKYNNQLATRTAQAIFDDSYLGYSVAVGDFNGDGIDDFV
SGVPRAARTLGMVYIYDGKNMSSLYNFTGEQMAAYFGFSVAATDINGDDYADVFIGAPLFMDRGSDGKLQEVGQVSVSLQ
RASGDFQTTKLNGFEVFARFGSAIAPLGDLDQDGFNDIAIAAPYGGEDKKGIVYIFNGRSTGLNAVPSQILEGQWAARSG
CPPSFGYSMKGATDIDKNGYPDLIVGAFGVDRAILYRARPVITV
;
A
2 'polypeptide(L)'
;VHVIIPTENEINTQVTPGEVSIQLRPGAEANFMLKVHPLKKYPVDLYYLVDVSASMHNNIEKLNSVGNDLSRKMAFFSRD
FRLGFGSYVDKTVSPYISIHPERIHNQCSDYNLDCMPPHGYIHVLSLTENITEFEKAVHRQKISGNIDTPEGGFDAMLQA
AVCESHIGWRKEAKRLLLVMTDQTSHLALDSKLAGIVCPNDGNCHLKNNVYVKSTTMEHPSLGQLSEKLIDNNINVIFAV
QGKQFHWYKDLLPLLPGTIAGEIESKAANLNNLVVEAYQKLISEVKVQVENQVQGIYFNITAICPDGSRKPGMEGCRNVT
SNDEVLFNVTVTMKKCDNYAIIKPIGFNETAKIHIHRNC
;
B
3 'polypeptide(L)' TKCVVRFNFRGDMAVYALKAVKDHLKKEGPHWNITTHNDDEVYLVVRGIHESDAKRIAKWVESTIPGISVETQCD C
#
# COMPACT_ATOMS: atom_id res chain seq x y z
N PHE A 1 -1.36 25.65 -17.06
CA PHE A 1 -2.02 25.99 -18.32
C PHE A 1 -1.06 26.24 -19.50
N ASN A 2 0.24 26.43 -19.22
CA ASN A 2 1.26 26.75 -20.22
C ASN A 2 2.18 25.60 -20.62
N LEU A 3 1.83 24.35 -20.31
CA LEU A 3 2.69 23.27 -20.78
C LEU A 3 2.35 22.94 -22.22
N ASP A 4 3.38 22.67 -23.02
CA ASP A 4 3.20 22.25 -24.40
C ASP A 4 3.02 20.75 -24.47
N VAL A 5 1.81 20.32 -24.77
CA VAL A 5 1.48 18.91 -24.80
C VAL A 5 1.23 18.47 -26.23
N ASP A 6 1.50 19.37 -27.17
CA ASP A 6 1.28 19.10 -28.58
C ASP A 6 2.56 18.59 -29.24
N SER A 7 3.70 19.11 -28.80
CA SER A 7 4.99 18.70 -29.35
C SER A 7 6.04 18.41 -28.28
N PRO A 8 5.80 17.43 -27.38
CA PRO A 8 6.65 17.02 -26.28
C PRO A 8 7.87 16.25 -26.77
N ALA A 9 8.91 16.19 -25.94
CA ALA A 9 10.11 15.41 -26.26
C ALA A 9 10.01 14.03 -25.62
N GLU A 10 9.84 13.01 -26.46
CA GLU A 10 9.63 11.65 -25.97
C GLU A 10 10.88 10.77 -26.10
N TYR A 11 11.23 10.10 -25.00
CA TYR A 11 12.39 9.21 -24.91
C TYR A 11 11.93 7.81 -24.55
N SER A 12 12.70 6.80 -24.96
CA SER A 12 12.35 5.42 -24.61
C SER A 12 13.57 4.56 -24.35
N GLY A 13 13.36 3.48 -23.60
CA GLY A 13 14.43 2.53 -23.32
C GLY A 13 14.05 1.13 -23.76
N PRO A 14 14.87 0.13 -23.42
CA PRO A 14 14.69 -1.28 -23.73
C PRO A 14 13.38 -1.79 -23.15
N GLU A 15 12.66 -2.58 -23.92
CA GLU A 15 11.38 -3.09 -23.46
C GLU A 15 11.55 -3.98 -22.24
N GLY A 16 10.74 -3.73 -21.22
CA GLY A 16 10.74 -4.52 -19.99
C GLY A 16 11.68 -3.95 -18.92
N SER A 17 12.40 -2.88 -19.25
CA SER A 17 13.36 -2.26 -18.33
C SER A 17 12.74 -1.29 -17.33
N TYR A 18 11.48 -0.91 -17.55
CA TYR A 18 10.80 0.11 -16.75
C TYR A 18 11.51 1.45 -16.87
N PHE A 19 11.93 1.73 -18.08
CA PHE A 19 12.55 3.01 -18.37
C PHE A 19 11.55 4.08 -18.08
N GLY A 20 11.94 5.07 -17.31
CA GLY A 20 11.04 6.16 -16.96
C GLY A 20 10.44 5.98 -15.58
N PHE A 21 10.85 4.92 -14.87
CA PHE A 21 10.35 4.67 -13.52
C PHE A 21 10.61 5.87 -12.61
N ALA A 22 11.81 6.42 -12.71
CA ALA A 22 12.19 7.57 -11.92
C ALA A 22 12.95 8.57 -12.78
N VAL A 23 12.65 9.84 -12.60
CA VAL A 23 13.29 10.88 -13.39
C VAL A 23 13.82 12.04 -12.56
N ASP A 24 14.85 12.69 -13.11
CA ASP A 24 15.43 13.93 -12.57
C ASP A 24 16.16 14.66 -13.68
N PHE A 25 16.73 15.81 -13.37
CA PHE A 25 17.53 16.56 -14.33
C PHE A 25 18.99 16.60 -13.88
N PHE A 26 19.90 16.63 -14.84
CA PHE A 26 21.32 16.77 -14.54
C PHE A 26 21.86 18.10 -15.03
N VAL A 27 22.22 18.96 -14.10
CA VAL A 27 22.66 20.30 -14.44
C VAL A 27 23.97 20.69 -13.78
N PRO A 28 25.12 20.40 -14.39
CA PRO A 28 26.45 20.76 -13.95
C PRO A 28 26.51 22.27 -13.84
N SER A 29 27.28 22.78 -12.88
CA SER A 29 27.35 24.22 -12.67
C SER A 29 27.91 25.02 -13.84
N ALA A 30 28.77 24.43 -14.66
CA ALA A 30 29.32 25.20 -15.77
C ALA A 30 29.65 24.34 -16.99
N SER A 31 28.71 23.51 -17.44
CA SER A 31 28.95 22.71 -18.63
C SER A 31 28.31 23.30 -19.88
N SER A 32 27.39 24.26 -19.69
CA SER A 32 26.62 24.94 -20.74
C SER A 32 25.46 24.12 -21.29
N ARG A 33 25.53 22.79 -21.10
CA ARG A 33 24.51 21.89 -21.58
C ARG A 33 23.97 21.04 -20.45
N MET A 34 22.71 20.65 -20.58
CA MET A 34 22.02 19.87 -19.55
C MET A 34 21.51 18.56 -20.10
N PHE A 35 21.41 17.58 -19.22
CA PHE A 35 20.93 16.26 -19.56
C PHE A 35 19.77 15.86 -18.67
N LEU A 36 18.98 14.92 -19.14
CA LEU A 36 17.89 14.38 -18.33
C LEU A 36 18.38 13.08 -17.72
N LEU A 37 18.00 12.80 -16.49
CA LEU A 37 18.34 11.52 -15.89
C LEU A 37 17.15 10.64 -15.82
N VAL A 38 17.18 9.55 -16.56
CA VAL A 38 16.04 8.66 -16.56
C VAL A 38 16.46 7.27 -16.13
N GLY A 39 15.84 6.78 -15.07
CA GLY A 39 16.17 5.47 -14.56
C GLY A 39 15.49 4.37 -15.36
N ALA A 40 16.08 3.18 -15.30
CA ALA A 40 15.54 1.97 -15.92
C ALA A 40 15.96 0.77 -15.06
N PRO A 41 15.28 0.56 -13.92
CA PRO A 41 15.61 -0.36 -12.85
C PRO A 41 15.70 -1.82 -13.25
N LYS A 42 15.09 -2.22 -14.36
CA LYS A 42 15.13 -3.62 -14.75
C LYS A 42 15.95 -3.83 -16.02
N ALA A 43 16.74 -2.82 -16.40
CA ALA A 43 17.54 -2.91 -17.61
C ALA A 43 18.65 -3.97 -17.50
N ASN A 44 18.97 -4.61 -18.64
CA ASN A 44 20.07 -5.55 -18.75
C ASN A 44 21.38 -4.84 -19.05
N THR A 45 22.32 -4.91 -18.09
CA THR A 45 23.62 -4.28 -18.10
C THR A 45 24.67 -5.22 -18.68
N THR A 46 25.87 -4.69 -18.89
CA THR A 46 26.98 -5.45 -19.47
C THR A 46 27.87 -6.06 -18.40
N GLN A 47 27.44 -5.95 -17.15
CA GLN A 47 28.18 -6.45 -16.01
C GLN A 47 28.30 -7.98 -16.10
N PRO A 48 29.44 -8.54 -15.69
CA PRO A 48 29.79 -9.94 -15.82
C PRO A 48 28.97 -10.88 -14.93
N GLY A 49 27.78 -11.22 -15.41
CA GLY A 49 26.92 -12.15 -14.69
C GLY A 49 25.74 -11.50 -13.97
N ILE A 50 25.46 -10.23 -14.28
CA ILE A 50 24.35 -9.57 -13.61
C ILE A 50 23.11 -9.52 -14.50
N VAL A 51 21.99 -9.99 -13.96
CA VAL A 51 20.73 -10.03 -14.68
C VAL A 51 19.79 -8.94 -14.23
N GLU A 52 19.29 -8.14 -15.17
CA GLU A 52 18.37 -7.04 -14.86
C GLU A 52 18.87 -6.19 -13.69
N GLY A 53 20.15 -5.84 -13.71
CA GLY A 53 20.76 -5.06 -12.65
C GLY A 53 20.14 -3.67 -12.51
N GLY A 54 19.73 -3.10 -13.65
CA GLY A 54 19.17 -1.77 -13.64
C GLY A 54 20.25 -0.76 -13.98
N GLN A 55 19.86 0.34 -14.57
CA GLN A 55 20.81 1.38 -14.92
C GLN A 55 20.17 2.75 -14.95
N VAL A 56 21.01 3.77 -14.90
CA VAL A 56 20.59 5.14 -15.05
C VAL A 56 21.12 5.65 -16.35
N LEU A 57 20.26 6.27 -17.15
CA LEU A 57 20.71 6.75 -18.43
C LEU A 57 20.73 8.26 -18.48
N LYS A 58 21.77 8.78 -19.09
CA LYS A 58 21.92 10.20 -19.28
C LYS A 58 21.42 10.53 -20.69
N CYS A 59 20.24 11.16 -20.76
CA CYS A 59 19.56 11.44 -22.01
C CYS A 59 19.81 12.88 -22.43
N ASP A 60 20.15 13.08 -23.69
CA ASP A 60 20.42 14.41 -24.18
C ASP A 60 19.13 15.11 -24.56
N TRP A 61 19.22 16.30 -25.13
CA TRP A 61 18.01 17.07 -25.40
C TRP A 61 18.13 17.96 -26.62
N SER A 62 19.17 18.78 -26.69
CA SER A 62 19.33 19.64 -27.85
C SER A 62 19.74 18.78 -29.03
N SER A 63 19.51 19.26 -30.25
CA SER A 63 19.81 18.49 -31.46
C SER A 63 18.91 17.25 -31.53
N THR A 64 19.49 16.07 -31.27
CA THR A 64 18.73 14.83 -31.33
C THR A 64 18.31 14.35 -29.95
N ARG A 65 17.64 13.20 -29.90
CA ARG A 65 17.21 12.63 -28.63
C ARG A 65 17.66 11.19 -28.47
N ARG A 66 18.76 11.01 -27.75
CA ARG A 66 19.36 9.69 -27.50
C ARG A 66 19.67 9.53 -26.00
N CYS A 67 19.69 8.26 -25.52
CA CYS A 67 20.02 7.95 -24.13
C CYS A 67 21.19 6.96 -24.07
N GLN A 68 22.09 7.19 -23.13
CA GLN A 68 23.21 6.29 -22.88
C GLN A 68 23.37 6.06 -21.38
N PRO A 69 23.77 4.86 -20.96
CA PRO A 69 23.97 4.49 -19.57
C PRO A 69 25.16 5.18 -18.95
N ILE A 70 25.06 5.45 -17.64
CA ILE A 70 26.16 6.00 -16.87
C ILE A 70 26.85 4.86 -16.13
N GLU A 71 28.15 4.71 -16.34
CA GLU A 71 28.86 3.60 -15.70
C GLU A 71 29.21 3.90 -14.26
N PHE A 72 28.20 3.89 -13.40
CA PHE A 72 28.39 4.10 -11.97
C PHE A 72 29.10 2.90 -11.39
N ASP A 73 28.78 1.74 -11.95
CA ASP A 73 29.33 0.48 -11.52
C ASP A 73 29.57 -0.40 -12.73
N ALA A 74 30.84 -0.58 -13.08
CA ALA A 74 31.20 -1.31 -14.29
C ALA A 74 31.64 -2.74 -13.98
N THR A 75 31.40 -3.20 -12.75
CA THR A 75 31.81 -4.56 -12.39
C THR A 75 30.65 -5.41 -11.93
N GLY A 76 30.96 -6.63 -11.53
CA GLY A 76 29.94 -7.58 -11.09
C GLY A 76 29.93 -7.74 -9.58
N ASN A 77 29.66 -8.94 -9.12
CA ASN A 77 29.57 -9.18 -7.70
C ASN A 77 30.95 -9.48 -7.12
N ARG A 78 31.40 -8.64 -6.19
CA ARG A 78 32.70 -8.87 -5.56
C ARG A 78 32.60 -10.06 -4.62
N ASP A 79 33.68 -10.82 -4.50
CA ASP A 79 33.69 -11.96 -3.59
C ASP A 79 34.07 -11.58 -2.17
N TYR A 80 33.57 -12.33 -1.22
CA TYR A 80 33.98 -12.20 0.17
C TYR A 80 35.09 -13.21 0.42
N ALA A 81 34.91 -14.38 -0.17
CA ALA A 81 35.84 -15.49 -0.06
C ALA A 81 35.70 -16.33 -1.31
N LYS A 82 36.67 -17.21 -1.57
CA LYS A 82 36.55 -18.05 -2.77
C LYS A 82 35.19 -18.74 -2.80
N ASP A 83 34.52 -18.62 -3.94
CA ASP A 83 33.20 -19.21 -4.18
C ASP A 83 32.18 -18.80 -3.12
N ASP A 84 32.26 -17.56 -2.68
CA ASP A 84 31.36 -17.00 -1.67
C ASP A 84 31.18 -15.49 -1.92
N PRO A 85 30.15 -15.08 -2.68
CA PRO A 85 29.92 -13.73 -3.14
C PRO A 85 29.60 -12.81 -1.98
N LEU A 86 30.07 -11.58 -2.05
CA LEU A 86 29.81 -10.58 -1.04
C LEU A 86 28.46 -9.92 -1.23
N GLU A 87 28.11 -9.72 -2.48
CA GLU A 87 26.96 -8.92 -2.85
C GLU A 87 26.18 -9.50 -4.01
N PHE A 88 24.92 -9.13 -4.11
CA PHE A 88 24.05 -9.60 -5.15
C PHE A 88 23.41 -8.44 -5.92
N LYS A 89 23.96 -8.13 -7.08
CA LYS A 89 23.47 -6.99 -7.87
C LYS A 89 22.37 -7.34 -8.86
N SER A 90 22.13 -8.63 -9.11
CA SER A 90 21.06 -9.00 -10.02
C SER A 90 19.74 -8.54 -9.43
N HIS A 91 18.90 -7.97 -10.27
CA HIS A 91 17.59 -7.47 -9.88
C HIS A 91 17.64 -6.47 -8.70
N GLN A 92 18.70 -5.64 -8.63
CA GLN A 92 18.84 -4.67 -7.54
C GLN A 92 18.00 -3.40 -7.72
N TRP A 93 17.41 -3.22 -8.90
CA TRP A 93 16.63 -2.02 -9.19
C TRP A 93 17.45 -0.74 -9.13
N PHE A 94 18.66 -0.79 -9.66
CA PHE A 94 19.47 0.41 -9.69
C PHE A 94 18.88 1.40 -10.66
N GLY A 95 18.67 2.61 -10.21
CA GLY A 95 18.07 3.64 -11.04
C GLY A 95 16.62 3.88 -10.62
N ALA A 96 16.14 3.10 -9.66
CA ALA A 96 14.79 3.25 -9.13
C ALA A 96 14.61 4.60 -8.44
N SER A 97 15.69 5.10 -7.86
CA SER A 97 15.66 6.38 -7.15
C SER A 97 16.88 7.20 -7.53
N VAL A 98 16.65 8.34 -8.19
CA VAL A 98 17.74 9.18 -8.69
C VAL A 98 17.51 10.65 -8.37
N ARG A 99 18.54 11.32 -7.84
CA ARG A 99 18.52 12.76 -7.60
C ARG A 99 19.85 13.40 -7.94
N SER A 100 19.84 14.62 -8.45
CA SER A 100 21.11 15.30 -8.70
C SER A 100 21.13 16.78 -8.32
N LYS A 101 22.28 17.22 -7.83
CA LYS A 101 22.53 18.61 -7.46
C LYS A 101 23.84 19.07 -8.10
N GLN A 102 23.76 20.08 -8.97
CA GLN A 102 24.94 20.48 -9.75
C GLN A 102 25.52 19.26 -10.46
N ASP A 103 26.80 18.96 -10.25
CA ASP A 103 27.42 17.83 -10.92
C ASP A 103 27.36 16.55 -10.13
N LYS A 104 26.65 16.58 -9.01
CA LYS A 104 26.55 15.43 -8.11
C LYS A 104 25.33 14.57 -8.42
N ILE A 105 25.56 13.35 -8.89
CA ILE A 105 24.42 12.47 -9.17
C ILE A 105 24.37 11.37 -8.16
N LEU A 106 23.25 11.27 -7.46
CA LEU A 106 23.07 10.21 -6.49
C LEU A 106 22.05 9.22 -7.02
N ALA A 107 22.52 8.03 -7.38
CA ALA A 107 21.66 7.01 -7.95
C ALA A 107 21.63 5.79 -7.03
N CYS A 108 20.43 5.34 -6.64
CA CYS A 108 20.27 4.27 -5.66
C CYS A 108 19.64 3.00 -6.23
N ALA A 109 19.90 1.88 -5.54
CA ALA A 109 19.41 0.54 -5.82
C ALA A 109 18.77 -0.07 -4.56
N PRO A 110 17.49 0.21 -4.29
CA PRO A 110 16.73 -0.18 -3.12
C PRO A 110 16.60 -1.70 -2.92
N LEU A 111 16.83 -2.51 -3.97
CA LEU A 111 16.70 -3.95 -3.82
C LEU A 111 18.07 -4.64 -3.86
N TYR A 112 19.14 -3.87 -3.68
CA TYR A 112 20.48 -4.45 -3.59
C TYR A 112 20.60 -5.29 -2.34
N HIS A 113 21.15 -6.49 -2.48
CA HIS A 113 21.30 -7.36 -1.33
C HIS A 113 22.77 -7.68 -1.08
N TRP A 114 23.12 -7.95 0.17
CA TRP A 114 24.48 -8.40 0.44
C TRP A 114 24.52 -9.33 1.65
N ARG A 115 25.65 -10.00 1.86
CA ARG A 115 25.71 -10.98 2.94
C ARG A 115 26.09 -10.52 4.33
N THR A 116 26.86 -9.44 4.45
CA THR A 116 27.46 -8.97 5.71
C THR A 116 28.57 -9.94 6.08
N GLU A 117 29.45 -9.53 7.00
CA GLU A 117 30.57 -10.37 7.37
C GLU A 117 30.23 -11.40 8.45
N MET A 118 29.27 -11.07 9.31
CA MET A 118 28.95 -11.92 10.46
C MET A 118 28.38 -13.30 10.10
N LYS A 119 27.59 -13.35 9.04
CA LYS A 119 26.94 -14.59 8.63
C LYS A 119 26.63 -14.52 7.14
N GLN A 120 26.41 -15.66 6.50
CA GLN A 120 26.02 -15.61 5.09
C GLN A 120 24.51 -15.48 5.00
N GLU A 121 24.04 -14.45 4.30
CA GLU A 121 22.61 -14.11 4.17
C GLU A 121 22.41 -13.27 2.91
N ARG A 122 21.16 -12.90 2.60
CA ARG A 122 20.89 -11.96 1.51
C ARG A 122 19.96 -10.84 1.99
N GLU A 123 20.54 -9.78 2.57
CA GLU A 123 19.74 -8.72 3.17
C GLU A 123 19.60 -7.54 2.21
N PRO A 124 18.36 -7.04 1.97
CA PRO A 124 18.03 -5.94 1.08
C PRO A 124 18.36 -4.61 1.71
N VAL A 125 19.64 -4.37 1.88
CA VAL A 125 20.13 -3.20 2.56
C VAL A 125 19.99 -1.93 1.75
N GLY A 126 20.21 -2.03 0.45
CA GLY A 126 20.13 -0.86 -0.43
C GLY A 126 21.44 -0.09 -0.46
N THR A 127 21.90 0.28 -1.66
CA THR A 127 23.10 1.10 -1.80
C THR A 127 22.89 2.22 -2.82
N CYS A 128 23.74 3.27 -2.74
CA CYS A 128 23.73 4.39 -3.67
C CYS A 128 25.12 4.69 -4.23
N PHE A 129 25.16 5.14 -5.47
CA PHE A 129 26.40 5.58 -6.07
C PHE A 129 26.38 7.07 -6.27
N LEU A 130 27.38 7.73 -5.70
CA LEU A 130 27.47 9.16 -5.78
C LEU A 130 28.59 9.58 -6.72
N GLN A 131 28.22 10.26 -7.79
CA GLN A 131 29.20 10.66 -8.79
C GLN A 131 29.32 12.17 -8.89
N ASP A 132 30.53 12.68 -8.77
CA ASP A 132 30.76 14.12 -8.89
C ASP A 132 32.12 14.36 -9.50
N GLY A 133 32.35 15.53 -10.09
CA GLY A 133 33.68 15.75 -10.62
C GLY A 133 34.01 14.62 -11.59
N THR A 134 35.16 13.98 -11.34
CA THR A 134 35.64 12.87 -12.14
C THR A 134 35.77 11.60 -11.29
N LYS A 135 35.09 11.59 -10.14
CA LYS A 135 35.20 10.47 -9.21
C LYS A 135 33.85 9.90 -8.80
N THR A 136 33.79 8.59 -8.62
CA THR A 136 32.55 7.95 -8.17
C THR A 136 32.83 7.15 -6.91
N VAL A 137 31.98 7.30 -5.92
CA VAL A 137 32.12 6.56 -4.68
C VAL A 137 30.83 5.84 -4.35
N GLU A 138 30.93 4.79 -3.56
CA GLU A 138 29.75 4.07 -3.13
C GLU A 138 29.32 4.55 -1.75
N TYR A 139 28.07 4.93 -1.65
CA TYR A 139 27.49 5.40 -0.41
C TYR A 139 26.46 4.40 0.07
N ALA A 140 26.66 3.87 1.25
CA ALA A 140 25.74 2.85 1.72
C ALA A 140 25.56 2.96 3.22
N PRO A 141 24.83 3.99 3.69
CA PRO A 141 24.71 4.33 5.10
C PRO A 141 24.04 3.25 5.95
N CYS A 142 23.27 2.33 5.32
CA CYS A 142 22.59 1.23 6.00
C CYS A 142 23.43 -0.05 5.91
N ARG A 143 24.59 0.03 5.29
CA ARG A 143 25.45 -1.12 5.18
C ARG A 143 26.46 -1.03 6.31
N SER A 144 26.17 -1.70 7.40
CA SER A 144 26.96 -1.52 8.60
C SER A 144 26.95 -2.76 9.48
N GLN A 145 27.34 -2.56 10.73
CA GLN A 145 27.43 -3.65 11.70
C GLN A 145 26.09 -3.91 12.37
N ASP A 146 25.14 -2.99 12.14
CA ASP A 146 23.80 -3.11 12.68
C ASP A 146 22.95 -3.78 11.62
N ILE A 147 22.83 -5.10 11.67
CA ILE A 147 22.28 -5.86 10.55
C ILE A 147 21.00 -6.61 10.86
N ASP A 148 20.40 -7.14 9.80
CA ASP A 148 19.14 -7.87 9.83
C ASP A 148 17.94 -6.95 10.11
N ALA A 149 16.77 -7.53 10.33
CA ALA A 149 15.53 -6.78 10.46
C ALA A 149 15.49 -5.84 11.65
N ASP A 150 16.14 -6.20 12.76
CA ASP A 150 16.12 -5.34 13.92
C ASP A 150 17.08 -4.17 13.77
N GLY A 151 17.94 -4.28 12.78
CA GLY A 151 18.95 -3.29 12.46
C GLY A 151 18.61 -2.62 11.15
N GLN A 152 19.63 -2.41 10.31
CA GLN A 152 19.45 -1.75 9.04
C GLN A 152 19.48 -2.73 7.86
N GLY A 153 19.46 -4.03 8.16
CA GLY A 153 19.61 -5.06 7.14
C GLY A 153 18.54 -4.99 6.07
N PHE A 154 17.33 -4.63 6.47
CA PHE A 154 16.21 -4.51 5.55
C PHE A 154 15.83 -3.06 5.25
N CYS A 155 16.77 -2.13 5.49
CA CYS A 155 16.64 -0.69 5.29
C CYS A 155 16.11 -0.31 3.91
N GLN A 156 16.66 -0.95 2.87
CA GLN A 156 16.39 -0.53 1.51
C GLN A 156 16.74 0.93 1.39
N GLY A 157 17.95 1.26 1.82
CA GLY A 157 18.39 2.61 1.82
C GLY A 157 18.42 3.09 0.40
N GLY A 158 18.06 4.34 0.20
CA GLY A 158 18.02 4.88 -1.13
C GLY A 158 16.62 4.80 -1.72
N PHE A 159 15.69 4.20 -0.99
CA PHE A 159 14.31 4.08 -1.45
C PHE A 159 13.80 5.46 -1.82
N SER A 160 14.05 6.45 -0.95
CA SER A 160 13.69 7.83 -1.25
C SER A 160 14.81 8.78 -0.83
N ILE A 161 15.28 9.60 -1.74
CA ILE A 161 16.38 10.50 -1.45
C ILE A 161 16.12 11.93 -1.87
N ASP A 162 16.86 12.85 -1.26
CA ASP A 162 16.86 14.26 -1.67
C ASP A 162 18.17 14.93 -1.26
N PHE A 163 18.32 16.19 -1.64
CA PHE A 163 19.48 16.98 -1.23
C PHE A 163 19.07 18.18 -0.40
N THR A 164 19.90 18.50 0.57
CA THR A 164 19.74 19.63 1.45
C THR A 164 20.60 20.76 0.91
N LYS A 165 20.11 22.01 0.92
CA LYS A 165 20.88 23.13 0.36
C LYS A 165 22.24 23.34 1.05
N ALA A 166 22.41 22.70 2.19
CA ALA A 166 23.62 22.73 3.00
C ALA A 166 24.66 21.72 2.49
N ASP A 167 24.37 21.09 1.35
CA ASP A 167 25.22 20.06 0.75
C ASP A 167 25.29 18.82 1.61
N ARG A 168 24.11 18.38 2.01
CA ARG A 168 23.93 17.15 2.75
C ARG A 168 22.99 16.24 1.99
N VAL A 169 23.18 14.95 2.14
CA VAL A 169 22.34 13.96 1.49
C VAL A 169 21.29 13.47 2.46
N LEU A 170 20.01 13.56 2.08
CA LEU A 170 18.94 13.04 2.92
C LEU A 170 18.45 11.74 2.35
N LEU A 171 18.56 10.67 3.12
CA LEU A 171 18.17 9.37 2.65
C LEU A 171 17.13 8.70 3.53
N GLY A 172 16.04 8.26 2.90
CA GLY A 172 14.99 7.54 3.58
C GLY A 172 15.15 6.04 3.36
N GLY A 173 15.10 5.29 4.46
CA GLY A 173 15.21 3.85 4.47
C GLY A 173 14.04 3.25 5.28
N PRO A 174 12.88 3.04 4.65
CA PRO A 174 11.62 2.69 5.26
C PRO A 174 11.63 1.33 5.94
N GLY A 175 12.60 0.49 5.62
CA GLY A 175 12.60 -0.84 6.21
C GLY A 175 13.38 -0.99 7.52
N SER A 176 14.04 0.08 7.99
CA SER A 176 14.87 -0.06 9.18
C SER A 176 14.07 -0.43 10.44
N PHE A 177 14.68 -1.23 11.31
CA PHE A 177 14.10 -1.59 12.59
C PHE A 177 12.73 -2.21 12.45
N TYR A 178 12.61 -3.29 11.68
CA TYR A 178 11.32 -3.91 11.43
C TYR A 178 10.32 -2.93 10.86
N TRP A 179 10.76 -2.23 9.83
CA TRP A 179 9.92 -1.31 9.10
C TRP A 179 9.35 -0.16 9.92
N GLN A 180 10.09 0.31 10.91
CA GLN A 180 9.68 1.53 11.59
C GLN A 180 10.07 2.66 10.67
N GLY A 181 11.21 2.47 10.01
CA GLY A 181 11.78 3.39 9.08
C GLY A 181 12.84 4.27 9.71
N GLN A 182 13.77 4.73 8.90
CA GLN A 182 14.84 5.59 9.38
C GLN A 182 15.24 6.68 8.41
N LEU A 183 15.53 7.87 8.94
CA LEU A 183 16.13 8.91 8.11
C LEU A 183 17.59 9.03 8.44
N ILE A 184 18.42 9.11 7.41
CA ILE A 184 19.84 9.32 7.58
C ILE A 184 20.28 10.54 6.78
N SER A 185 21.05 11.41 7.40
CA SER A 185 21.54 12.61 6.73
C SER A 185 23.03 12.78 6.91
N ASP A 186 23.76 12.93 5.81
CA ASP A 186 25.21 13.09 5.94
C ASP A 186 25.72 14.14 4.98
N GLN A 187 27.01 14.41 5.02
CA GLN A 187 27.59 15.44 4.18
C GLN A 187 28.20 14.87 2.92
N VAL A 188 28.10 15.62 1.83
CA VAL A 188 28.72 15.14 0.61
C VAL A 188 30.23 15.02 0.78
N ALA A 189 30.82 16.01 1.44
CA ALA A 189 32.26 15.99 1.62
C ALA A 189 32.72 14.75 2.37
N GLU A 190 31.97 14.33 3.39
CA GLU A 190 32.33 13.14 4.15
C GLU A 190 32.16 11.89 3.31
N ILE A 191 31.10 11.86 2.51
CA ILE A 191 30.82 10.69 1.69
C ILE A 191 31.91 10.47 0.66
N VAL A 192 32.33 11.54 0.00
CA VAL A 192 33.35 11.45 -1.03
C VAL A 192 34.75 11.26 -0.46
N SER A 193 35.08 12.01 0.60
CA SER A 193 36.40 11.93 1.19
C SER A 193 36.67 10.61 1.89
N LYS A 194 35.73 10.17 2.74
CA LYS A 194 35.93 8.93 3.48
C LYS A 194 35.54 7.73 2.65
N TYR A 195 36.28 7.48 1.58
CA TYR A 195 35.96 6.37 0.71
C TYR A 195 37.15 5.45 0.52
N ASP A 196 36.89 4.17 0.74
CA ASP A 196 37.88 3.12 0.55
C ASP A 196 37.17 1.87 0.04
N PRO A 197 37.44 1.41 -1.18
CA PRO A 197 36.77 0.33 -1.86
C PRO A 197 36.93 -1.02 -1.15
N ASN A 198 37.86 -1.08 -0.20
CA ASN A 198 38.10 -2.32 0.54
C ASN A 198 37.33 -2.32 1.85
N VAL A 199 36.55 -1.28 2.10
CA VAL A 199 35.79 -1.17 3.33
C VAL A 199 34.31 -1.17 3.02
N TYR A 200 33.60 -2.12 3.61
CA TYR A 200 32.19 -2.29 3.30
C TYR A 200 31.33 -1.45 4.25
N SER A 201 31.80 -1.29 5.48
CA SER A 201 31.07 -0.50 6.47
C SER A 201 31.88 0.75 6.81
N ILE A 202 31.37 1.91 6.42
CA ILE A 202 32.08 3.16 6.64
C ILE A 202 31.32 4.09 7.56
N LYS A 203 31.99 4.55 8.60
CA LYS A 203 31.41 5.50 9.54
C LYS A 203 31.78 6.92 9.13
N TYR A 204 30.87 7.85 9.35
CA TYR A 204 31.11 9.25 9.01
C TYR A 204 30.98 10.11 10.28
N ASN A 205 31.67 11.25 10.32
CA ASN A 205 31.70 12.04 11.55
C ASN A 205 30.54 13.01 11.75
N ASN A 206 29.97 13.51 10.67
CA ASN A 206 28.92 14.54 10.77
C ASN A 206 27.54 14.02 10.36
N GLN A 207 27.34 12.73 10.54
CA GLN A 207 26.08 12.08 10.19
C GLN A 207 25.01 12.22 11.26
N LEU A 208 23.79 12.55 10.82
CA LEU A 208 22.62 12.61 11.69
C LEU A 208 21.67 11.48 11.32
N ALA A 209 20.97 10.92 12.28
CA ALA A 209 19.99 9.91 11.93
C ALA A 209 18.95 9.72 13.02
N THR A 210 17.81 9.18 12.64
CA THR A 210 16.77 8.83 13.59
C THR A 210 17.12 7.51 14.26
N ARG A 211 16.36 7.13 15.29
CA ARG A 211 16.64 5.93 16.07
C ARG A 211 15.43 5.04 16.22
N THR A 212 15.69 3.77 16.53
CA THR A 212 14.68 2.76 16.78
C THR A 212 13.79 3.14 17.95
N ALA A 213 12.50 2.81 17.84
CA ALA A 213 11.52 3.11 18.87
C ALA A 213 10.75 1.86 19.29
N GLN A 214 9.72 2.05 20.09
CA GLN A 214 8.87 0.98 20.61
C GLN A 214 8.16 0.23 19.48
N ALA A 215 7.77 -1.02 19.73
CA ALA A 215 7.12 -1.86 18.72
C ALA A 215 5.82 -1.24 18.18
N ILE A 216 5.23 -0.33 18.93
CA ILE A 216 4.00 0.31 18.50
C ILE A 216 4.19 1.13 17.23
N PHE A 217 5.46 1.34 16.85
CA PHE A 217 5.79 2.07 15.64
C PHE A 217 6.22 1.14 14.49
N ASP A 218 6.14 -0.18 14.70
CA ASP A 218 6.56 -1.14 13.68
C ASP A 218 5.69 -1.03 12.45
N ASP A 219 6.25 -1.35 11.29
CA ASP A 219 5.50 -1.32 10.04
C ASP A 219 4.85 0.02 9.77
N SER A 220 5.58 1.11 10.01
CA SER A 220 5.07 2.46 9.73
C SER A 220 5.68 3.01 8.44
N TYR A 221 6.86 2.46 8.11
CA TYR A 221 7.65 2.84 6.95
C TYR A 221 8.09 4.31 6.94
N LEU A 222 8.63 4.81 8.03
CA LEU A 222 9.08 6.19 8.03
C LEU A 222 10.22 6.37 7.05
N GLY A 223 10.11 7.41 6.23
CA GLY A 223 11.15 7.64 5.23
C GLY A 223 10.74 6.96 3.92
N TYR A 224 9.43 6.76 3.76
CA TYR A 224 8.88 6.16 2.56
C TYR A 224 9.10 7.14 1.42
N SER A 225 8.92 8.41 1.74
CA SER A 225 9.11 9.52 0.83
C SER A 225 9.59 10.73 1.60
N VAL A 226 10.63 11.40 1.11
CA VAL A 226 11.17 12.55 1.84
C VAL A 226 11.19 13.84 1.03
N ALA A 227 11.28 14.96 1.75
CA ALA A 227 11.35 16.31 1.19
C ALA A 227 12.08 17.22 2.16
N VAL A 228 12.57 18.38 1.69
CA VAL A 228 13.24 19.31 2.59
C VAL A 228 12.72 20.74 2.48
N GLY A 229 12.93 21.52 3.54
CA GLY A 229 12.56 22.95 3.54
C GLY A 229 12.66 23.51 4.95
N ASP A 230 12.66 24.84 5.09
CA ASP A 230 12.81 25.47 6.40
C ASP A 230 11.48 25.64 7.15
N PHE A 231 11.36 24.91 8.28
CA PHE A 231 10.15 24.92 9.07
C PHE A 231 10.35 25.48 10.49
N ASN A 232 11.45 26.21 10.74
CA ASN A 232 11.65 26.81 12.05
C ASN A 232 12.40 28.14 12.01
N GLY A 233 12.79 28.60 10.82
CA GLY A 233 13.42 29.90 10.64
C GLY A 233 14.90 29.97 11.02
N ASP A 234 15.59 28.83 10.99
CA ASP A 234 17.01 28.81 11.37
C ASP A 234 17.95 28.92 10.18
N GLY A 235 17.40 28.98 8.96
CA GLY A 235 18.24 29.11 7.77
C GLY A 235 18.76 27.75 7.29
N ILE A 236 18.38 26.70 8.00
CA ILE A 236 18.81 25.35 7.67
C ILE A 236 17.62 24.52 7.29
N ASP A 237 17.67 23.94 6.10
CA ASP A 237 16.57 23.11 5.62
C ASP A 237 16.32 21.99 6.61
N ASP A 238 15.06 21.77 6.92
CA ASP A 238 14.69 20.72 7.85
C ASP A 238 14.22 19.53 7.06
N PHE A 239 13.88 18.45 7.74
CA PHE A 239 13.55 17.21 7.03
C PHE A 239 12.09 16.81 7.16
N VAL A 240 11.44 16.61 6.02
CA VAL A 240 10.04 16.20 5.97
C VAL A 240 9.98 14.74 5.52
N SER A 241 9.29 13.90 6.28
CA SER A 241 9.23 12.49 5.95
C SER A 241 7.85 11.89 6.06
N GLY A 242 7.42 11.24 4.98
CA GLY A 242 6.13 10.57 4.98
C GLY A 242 6.24 9.24 5.72
N VAL A 243 5.19 8.90 6.46
CA VAL A 243 5.12 7.65 7.19
C VAL A 243 3.74 7.00 6.98
N PRO A 244 3.47 6.45 5.80
CA PRO A 244 2.15 6.11 5.27
C PRO A 244 1.33 5.11 6.08
N ARG A 245 1.96 4.27 6.90
CA ARG A 245 1.18 3.27 7.61
C ARG A 245 1.09 3.58 9.12
N ALA A 246 1.50 4.78 9.51
CA ALA A 246 1.51 5.23 10.91
C ALA A 246 0.12 5.46 11.49
N ALA A 247 0.04 5.41 12.82
CA ALA A 247 -1.16 5.77 13.56
C ALA A 247 -2.38 4.96 13.14
N ARG A 248 -2.30 3.64 13.27
CA ARG A 248 -3.42 2.78 12.89
C ARG A 248 -3.77 3.00 11.43
N THR A 249 -2.74 2.93 10.61
CA THR A 249 -2.78 3.15 9.17
C THR A 249 -3.67 4.34 8.79
N LEU A 250 -3.53 5.44 9.52
CA LEU A 250 -4.13 6.69 9.08
C LEU A 250 -3.13 7.40 8.21
N GLY A 251 -1.86 7.22 8.56
CA GLY A 251 -0.74 7.82 7.86
C GLY A 251 -0.32 9.11 8.54
N MET A 252 0.98 9.34 8.59
CA MET A 252 1.51 10.56 9.19
C MET A 252 2.66 11.15 8.41
N VAL A 253 2.89 12.43 8.64
CA VAL A 253 4.08 13.09 8.13
C VAL A 253 4.82 13.76 9.27
N TYR A 254 6.10 13.46 9.36
CA TYR A 254 6.95 13.96 10.43
C TYR A 254 7.89 15.04 9.93
N ILE A 255 8.14 16.05 10.74
CA ILE A 255 9.17 17.02 10.41
C ILE A 255 10.22 17.06 11.49
N TYR A 256 11.47 16.86 11.10
CA TYR A 256 12.61 16.85 12.01
C TYR A 256 13.54 18.03 11.77
N ASP A 257 14.15 18.50 12.84
CA ASP A 257 15.13 19.57 12.78
C ASP A 257 16.34 19.17 11.92
N GLY A 258 16.68 20.03 10.97
CA GLY A 258 17.75 19.74 10.02
C GLY A 258 19.17 19.83 10.60
N LYS A 259 19.29 20.30 11.84
CA LYS A 259 20.60 20.42 12.45
C LYS A 259 20.89 19.33 13.49
N ASN A 260 19.88 18.96 14.32
CA ASN A 260 20.07 17.97 15.39
C ASN A 260 18.99 16.86 15.45
N MET A 261 18.09 16.78 14.45
CA MET A 261 17.00 15.78 14.33
C MET A 261 15.94 15.80 15.43
N SER A 262 15.87 16.87 16.22
CA SER A 262 14.77 16.98 17.17
C SER A 262 13.45 17.09 16.41
N SER A 263 12.40 16.44 16.88
CA SER A 263 11.12 16.51 16.18
C SER A 263 10.49 17.89 16.30
N LEU A 264 9.95 18.40 15.20
CA LEU A 264 9.32 19.72 15.19
C LEU A 264 7.80 19.68 15.03
N TYR A 265 7.31 18.90 14.06
CA TYR A 265 5.87 18.88 13.75
C TYR A 265 5.36 17.46 13.44
N ASN A 266 4.02 17.28 13.57
CA ASN A 266 3.32 16.03 13.28
C ASN A 266 1.99 16.30 12.56
N PHE A 267 1.82 15.70 11.37
CA PHE A 267 0.58 15.75 10.59
C PHE A 267 -0.05 14.37 10.57
N THR A 268 -1.36 14.28 10.80
CA THR A 268 -2.03 12.97 10.81
C THR A 268 -3.22 12.96 9.85
N GLY A 269 -3.38 11.85 9.12
CA GLY A 269 -4.49 11.71 8.18
C GLY A 269 -5.81 11.43 8.90
N GLU A 270 -6.91 11.47 8.16
CA GLU A 270 -8.24 11.27 8.74
C GLU A 270 -8.84 9.88 8.46
N GLN A 271 -8.48 9.30 7.33
CA GLN A 271 -9.12 8.06 6.91
C GLN A 271 -8.15 6.90 6.85
N MET A 272 -8.56 5.78 7.43
CA MET A 272 -7.72 4.62 7.43
C MET A 272 -7.56 4.07 6.02
N ALA A 273 -6.35 3.61 5.75
CA ALA A 273 -5.98 2.99 4.49
C ALA A 273 -6.03 3.95 3.31
N ALA A 274 -6.07 5.25 3.56
CA ALA A 274 -5.99 6.24 2.47
C ALA A 274 -4.52 6.36 2.06
N TYR A 275 -3.67 5.81 2.92
CA TYR A 275 -2.23 5.77 2.77
C TYR A 275 -1.67 7.20 2.68
N PHE A 276 -2.11 8.03 3.62
CA PHE A 276 -1.69 9.42 3.78
C PHE A 276 -0.21 9.46 4.09
N GLY A 277 0.53 10.21 3.30
CA GLY A 277 1.98 10.29 3.48
C GLY A 277 2.70 9.52 2.38
N PHE A 278 1.96 8.93 1.45
CA PHE A 278 2.56 8.19 0.34
C PHE A 278 3.64 9.02 -0.32
N SER A 279 3.32 10.28 -0.54
CA SER A 279 4.25 11.21 -1.13
C SER A 279 4.15 12.53 -0.41
N VAL A 280 5.28 13.20 -0.24
CA VAL A 280 5.28 14.51 0.37
C VAL A 280 6.11 15.49 -0.42
N ALA A 281 5.82 16.76 -0.24
CA ALA A 281 6.61 17.81 -0.86
C ALA A 281 6.62 19.05 0.03
N ALA A 282 7.72 19.80 -0.04
CA ALA A 282 7.84 21.03 0.72
C ALA A 282 8.16 22.18 -0.22
N THR A 283 7.31 23.19 -0.22
CA THR A 283 7.48 24.33 -1.11
C THR A 283 6.69 25.53 -0.62
N ASP A 284 7.09 26.73 -0.99
CA ASP A 284 6.32 27.93 -0.65
C ASP A 284 5.26 28.17 -1.71
N ILE A 285 4.01 27.89 -1.37
CA ILE A 285 2.96 27.94 -2.38
C ILE A 285 2.15 29.23 -2.32
N ASN A 286 2.46 30.10 -1.35
CA ASN A 286 1.66 31.31 -1.20
C ASN A 286 2.48 32.59 -1.09
N GLY A 287 3.79 32.50 -1.25
CA GLY A 287 4.64 33.68 -1.28
C GLY A 287 4.88 34.28 0.11
N ASP A 288 4.85 33.43 1.14
CA ASP A 288 5.02 33.92 2.50
C ASP A 288 6.42 33.69 3.08
N ASP A 289 7.32 33.09 2.29
CA ASP A 289 8.69 32.75 2.70
C ASP A 289 8.73 31.65 3.76
N TYR A 290 7.61 30.97 3.97
CA TYR A 290 7.56 29.82 4.86
C TYR A 290 7.16 28.59 4.07
N ALA A 291 7.97 27.55 4.13
CA ALA A 291 7.68 26.34 3.36
C ALA A 291 6.34 25.76 3.80
N ASP A 292 5.58 25.28 2.83
CA ASP A 292 4.28 24.69 3.07
C ASP A 292 4.38 23.20 2.82
N VAL A 293 3.47 22.41 3.39
CA VAL A 293 3.60 20.96 3.25
C VAL A 293 2.45 20.33 2.47
N PHE A 294 2.81 19.57 1.45
CA PHE A 294 1.85 18.88 0.60
C PHE A 294 1.90 17.39 0.85
N ILE A 295 0.77 16.82 1.26
CA ILE A 295 0.77 15.40 1.60
C ILE A 295 -0.25 14.63 0.78
N GLY A 296 0.22 13.62 0.05
CA GLY A 296 -0.67 12.80 -0.76
C GLY A 296 -1.33 11.71 0.05
N ALA A 297 -2.53 11.29 -0.39
CA ALA A 297 -3.29 10.19 0.19
C ALA A 297 -4.12 9.53 -0.91
N PRO A 298 -3.48 8.82 -1.84
CA PRO A 298 -3.99 8.32 -3.11
C PRO A 298 -5.11 7.30 -3.01
N LEU A 299 -5.30 6.65 -1.86
CA LEU A 299 -6.35 5.65 -1.78
C LEU A 299 -7.59 6.20 -1.08
N PHE A 300 -7.61 7.50 -0.80
CA PHE A 300 -8.71 8.12 -0.08
C PHE A 300 -10.08 7.92 -0.74
N MET A 301 -11.06 7.54 0.08
CA MET A 301 -12.44 7.37 -0.37
C MET A 301 -13.33 8.51 0.08
N ASP A 302 -13.95 9.16 -0.91
CA ASP A 302 -14.79 10.33 -0.73
C ASP A 302 -16.26 9.91 -0.69
N ARG A 303 -16.88 9.96 0.49
CA ARG A 303 -18.26 9.51 0.63
C ARG A 303 -19.25 10.53 0.07
N GLY A 304 -20.21 10.04 -0.72
CA GLY A 304 -21.20 10.90 -1.35
C GLY A 304 -22.45 11.09 -0.50
N SER A 305 -23.45 11.76 -1.07
CA SER A 305 -24.69 12.08 -0.37
C SER A 305 -25.56 10.87 -0.05
N ASP A 306 -25.36 9.77 -0.76
CA ASP A 306 -26.14 8.57 -0.52
C ASP A 306 -25.39 7.58 0.37
N GLY A 307 -24.22 7.98 0.86
CA GLY A 307 -23.42 7.13 1.72
C GLY A 307 -22.45 6.23 0.95
N LYS A 308 -22.45 6.30 -0.37
CA LYS A 308 -21.54 5.46 -1.16
C LYS A 308 -20.14 6.04 -1.12
N LEU A 309 -19.13 5.17 -1.07
CA LEU A 309 -17.77 5.67 -1.03
C LEU A 309 -17.02 5.45 -2.32
N GLN A 310 -16.47 6.53 -2.86
CA GLN A 310 -15.72 6.47 -4.10
C GLN A 310 -14.23 6.70 -3.89
N GLU A 311 -13.41 5.74 -4.32
CA GLU A 311 -11.97 5.89 -4.17
C GLU A 311 -11.45 6.82 -5.23
N VAL A 312 -10.99 7.99 -4.81
CA VAL A 312 -10.53 9.00 -5.77
C VAL A 312 -9.11 9.48 -5.49
N GLY A 313 -8.73 9.48 -4.21
CA GLY A 313 -7.46 10.03 -3.79
C GLY A 313 -7.62 11.45 -3.27
N GLN A 314 -6.74 11.83 -2.34
CA GLN A 314 -6.77 13.17 -1.72
C GLN A 314 -5.37 13.74 -1.51
N VAL A 315 -5.27 15.06 -1.59
CA VAL A 315 -4.05 15.77 -1.22
C VAL A 315 -4.34 16.82 -0.15
N SER A 316 -3.58 16.76 0.93
CA SER A 316 -3.73 17.72 2.02
C SER A 316 -2.72 18.84 1.87
N VAL A 317 -3.20 20.07 1.94
CA VAL A 317 -2.32 21.22 1.77
C VAL A 317 -2.29 22.07 3.02
N SER A 318 -1.13 22.15 3.67
CA SER A 318 -1.03 22.93 4.89
C SER A 318 -0.06 24.08 4.74
N LEU A 319 -0.50 25.27 5.10
CA LEU A 319 0.33 26.45 5.00
C LEU A 319 1.01 26.73 6.32
N GLN A 320 2.29 27.08 6.25
CA GLN A 320 3.05 27.41 7.45
C GLN A 320 2.90 28.87 7.78
N ARG A 321 2.59 29.15 9.04
CA ARG A 321 2.49 30.52 9.49
C ARG A 321 3.66 30.82 10.41
N ALA A 322 3.96 32.10 10.60
CA ALA A 322 5.11 32.53 11.38
C ALA A 322 5.08 32.00 12.82
N SER A 323 3.89 31.80 13.36
CA SER A 323 3.73 31.32 14.73
C SER A 323 4.15 29.86 14.90
N GLY A 324 4.30 29.13 13.80
CA GLY A 324 4.58 27.71 13.84
C GLY A 324 3.31 26.91 13.62
N ASP A 325 2.18 27.62 13.57
CA ASP A 325 0.90 27.00 13.33
C ASP A 325 0.75 26.64 11.86
N PHE A 326 -0.04 25.62 11.58
CA PHE A 326 -0.37 25.29 10.20
C PHE A 326 -1.85 25.42 9.91
N GLN A 327 -2.13 25.94 8.73
CA GLN A 327 -3.50 26.12 8.23
C GLN A 327 -3.77 25.09 7.15
N THR A 328 -4.65 24.13 7.41
CA THR A 328 -4.82 23.01 6.49
C THR A 328 -6.16 22.97 5.75
N THR A 329 -6.08 22.75 4.43
CA THR A 329 -7.25 22.55 3.58
C THR A 329 -7.11 21.22 2.83
N LYS A 330 -8.16 20.81 2.12
CA LYS A 330 -8.12 19.52 1.42
C LYS A 330 -8.53 19.61 -0.05
N LEU A 331 -7.86 18.82 -0.88
CA LEU A 331 -8.16 18.68 -2.29
C LEU A 331 -8.45 17.23 -2.68
N ASN A 332 -9.65 16.98 -3.22
CA ASN A 332 -10.01 15.61 -3.60
C ASN A 332 -9.77 15.34 -5.09
N GLY A 333 -9.63 14.05 -5.43
CA GLY A 333 -9.43 13.64 -6.80
C GLY A 333 -10.70 13.73 -7.63
N PHE A 334 -10.58 13.45 -8.91
CA PHE A 334 -11.69 13.64 -9.83
C PHE A 334 -12.23 12.35 -10.43
N GLU A 335 -11.42 11.30 -10.47
CA GLU A 335 -11.81 10.04 -11.09
C GLU A 335 -11.62 8.87 -10.16
N VAL A 336 -12.53 7.91 -10.26
CA VAL A 336 -12.50 6.76 -9.39
C VAL A 336 -11.42 5.76 -9.78
N PHE A 337 -10.65 5.36 -8.78
CA PHE A 337 -9.51 4.46 -8.86
C PHE A 337 -8.33 5.02 -9.66
N ALA A 338 -8.32 6.34 -9.89
CA ALA A 338 -7.20 6.95 -10.59
C ALA A 338 -6.01 7.19 -9.66
N ARG A 339 -6.27 7.14 -8.36
CA ARG A 339 -5.28 7.38 -7.31
C ARG A 339 -4.63 8.76 -7.35
N PHE A 340 -5.47 9.79 -7.32
CA PHE A 340 -5.00 11.16 -7.32
C PHE A 340 -4.19 11.45 -6.09
N GLY A 341 -3.03 12.05 -6.27
CA GLY A 341 -2.18 12.41 -5.14
C GLY A 341 -1.03 11.45 -4.96
N SER A 342 -0.96 10.40 -5.78
CA SER A 342 0.15 9.45 -5.64
C SER A 342 1.49 10.07 -5.97
N ALA A 343 1.51 11.08 -6.83
CA ALA A 343 2.77 11.73 -7.12
C ALA A 343 2.62 13.23 -7.14
N ILE A 344 3.41 13.89 -6.31
CA ILE A 344 3.38 15.33 -6.16
C ILE A 344 4.73 15.91 -6.53
N ALA A 345 4.74 16.88 -7.44
CA ALA A 345 6.00 17.44 -7.92
C ALA A 345 5.93 18.95 -8.09
N PRO A 346 6.51 19.73 -7.16
CA PRO A 346 6.59 21.17 -7.22
C PRO A 346 7.22 21.55 -8.52
N LEU A 347 6.66 22.56 -9.19
CA LEU A 347 7.17 22.99 -10.47
C LEU A 347 7.92 24.29 -10.35
N GLY A 348 7.87 24.89 -9.17
CA GLY A 348 8.37 26.22 -8.99
C GLY A 348 7.33 27.16 -9.59
N ASP A 349 7.73 28.35 -9.97
CA ASP A 349 6.74 29.28 -10.47
C ASP A 349 6.53 29.06 -11.96
N LEU A 350 5.75 28.03 -12.28
CA LEU A 350 5.53 27.55 -13.65
C LEU A 350 5.09 28.65 -14.61
N ASP A 351 4.21 29.52 -14.15
CA ASP A 351 3.68 30.59 -14.98
C ASP A 351 4.24 31.97 -14.65
N GLN A 352 5.31 32.01 -13.85
CA GLN A 352 5.95 33.26 -13.46
C GLN A 352 4.98 34.33 -12.95
N ASP A 353 4.08 33.96 -12.02
CA ASP A 353 3.14 34.95 -11.47
C ASP A 353 3.49 35.38 -10.05
N GLY A 354 4.61 34.90 -9.53
CA GLY A 354 5.04 35.22 -8.19
C GLY A 354 4.69 34.14 -7.16
N PHE A 355 3.86 33.17 -7.55
CA PHE A 355 3.48 32.11 -6.64
C PHE A 355 3.84 30.76 -7.22
N ASN A 356 4.39 29.88 -6.40
CA ASN A 356 4.77 28.58 -6.91
C ASN A 356 3.56 27.74 -7.23
N ASP A 357 3.73 26.88 -8.23
CA ASP A 357 2.69 26.00 -8.71
C ASP A 357 3.11 24.55 -8.48
N ILE A 358 2.16 23.62 -8.46
CA ILE A 358 2.53 22.24 -8.20
C ILE A 358 1.77 21.25 -9.08
N ALA A 359 2.42 20.16 -9.50
CA ALA A 359 1.75 19.13 -10.28
C ALA A 359 1.36 17.96 -9.40
N ILE A 360 0.14 17.48 -9.59
CA ILE A 360 -0.34 16.30 -8.88
C ILE A 360 -0.84 15.27 -9.87
N ALA A 361 -0.30 14.06 -9.81
CA ALA A 361 -0.70 13.03 -10.75
C ALA A 361 -1.75 12.09 -10.22
N ALA A 362 -2.41 11.44 -11.17
CA ALA A 362 -3.39 10.38 -10.96
C ALA A 362 -3.16 9.29 -12.03
N PRO A 363 -2.12 8.46 -11.87
CA PRO A 363 -1.52 7.57 -12.86
C PRO A 363 -2.45 6.56 -13.51
N TYR A 364 -3.61 6.27 -12.90
CA TYR A 364 -4.48 5.28 -13.50
C TYR A 364 -5.79 5.87 -14.02
N GLY A 365 -5.85 7.18 -14.13
CA GLY A 365 -7.07 7.82 -14.61
C GLY A 365 -7.09 7.99 -16.13
N GLY A 366 -8.18 8.57 -16.61
CA GLY A 366 -8.35 8.83 -18.04
C GLY A 366 -8.86 7.62 -18.79
N GLU A 367 -8.96 7.77 -20.10
CA GLU A 367 -9.44 6.66 -20.91
C GLU A 367 -8.44 5.53 -20.82
N ASP A 368 -8.95 4.32 -20.71
CA ASP A 368 -8.17 3.10 -20.67
C ASP A 368 -7.06 3.12 -19.62
N LYS A 369 -7.25 3.90 -18.55
CA LYS A 369 -6.28 3.99 -17.47
C LYS A 369 -4.88 4.35 -17.97
N LYS A 370 -4.80 5.26 -18.93
CA LYS A 370 -3.52 5.73 -19.45
C LYS A 370 -2.74 6.59 -18.45
N GLY A 371 -3.47 7.31 -17.59
CA GLY A 371 -2.86 8.18 -16.58
C GLY A 371 -3.04 9.65 -16.87
N ILE A 372 -3.30 10.43 -15.81
CA ILE A 372 -3.48 11.87 -15.91
C ILE A 372 -2.61 12.65 -14.93
N VAL A 373 -2.03 13.75 -15.41
CA VAL A 373 -1.32 14.68 -14.56
C VAL A 373 -2.08 16.01 -14.49
N TYR A 374 -2.36 16.46 -13.27
CA TYR A 374 -3.10 17.70 -13.05
C TYR A 374 -2.17 18.82 -12.65
N ILE A 375 -2.31 19.98 -13.27
CA ILE A 375 -1.49 21.12 -12.89
C ILE A 375 -2.31 22.11 -12.07
N PHE A 376 -1.86 22.40 -10.84
CA PHE A 376 -2.56 23.32 -9.95
C PHE A 376 -1.75 24.58 -9.68
N ASN A 377 -2.36 25.73 -9.93
CA ASN A 377 -1.70 27.00 -9.69
C ASN A 377 -1.82 27.46 -8.25
N GLY A 378 -0.82 28.19 -7.78
CA GLY A 378 -0.82 28.74 -6.44
C GLY A 378 -1.38 30.16 -6.41
N ARG A 379 -1.40 30.73 -5.22
CA ARG A 379 -1.90 32.08 -4.97
C ARG A 379 -1.63 32.48 -3.53
N SER A 380 -1.88 33.74 -3.18
CA SER A 380 -1.59 34.24 -1.85
C SER A 380 -2.38 33.58 -0.71
N THR A 381 -3.47 32.89 -1.04
CA THR A 381 -4.31 32.28 -0.04
C THR A 381 -4.08 30.77 0.07
N GLY A 382 -3.14 30.24 -0.70
CA GLY A 382 -2.88 28.80 -0.70
C GLY A 382 -3.19 28.22 -2.07
N LEU A 383 -3.12 26.90 -2.19
CA LEU A 383 -3.29 26.28 -3.50
C LEU A 383 -4.72 26.45 -4.02
N ASN A 384 -4.85 26.74 -5.31
CA ASN A 384 -6.15 26.81 -5.96
C ASN A 384 -6.63 25.39 -6.22
N ALA A 385 -7.77 25.02 -5.66
CA ALA A 385 -8.29 23.65 -5.72
C ALA A 385 -8.72 23.22 -7.12
N VAL A 386 -8.88 24.16 -8.03
CA VAL A 386 -9.31 23.83 -9.38
C VAL A 386 -8.10 23.73 -10.32
N PRO A 387 -7.86 22.59 -10.98
CA PRO A 387 -6.71 22.37 -11.85
C PRO A 387 -6.80 23.26 -13.07
N SER A 388 -5.65 23.74 -13.52
CA SER A 388 -5.58 24.60 -14.69
C SER A 388 -5.29 23.84 -15.97
N GLN A 389 -4.62 22.69 -15.85
CA GLN A 389 -4.27 21.93 -17.05
C GLN A 389 -4.33 20.43 -16.83
N ILE A 390 -4.79 19.71 -17.86
CA ILE A 390 -4.84 18.26 -17.83
C ILE A 390 -3.90 17.63 -18.85
N LEU A 391 -2.97 16.82 -18.36
CA LEU A 391 -2.03 16.09 -19.19
C LEU A 391 -2.38 14.62 -19.23
N GLU A 392 -2.72 14.11 -20.41
CA GLU A 392 -3.11 12.70 -20.54
C GLU A 392 -2.01 11.82 -21.13
N GLY A 393 -1.94 10.56 -20.68
CA GLY A 393 -1.00 9.59 -21.23
C GLY A 393 -1.37 9.27 -22.68
N GLN A 394 -0.36 8.99 -23.50
CA GLN A 394 -0.59 8.74 -24.91
C GLN A 394 -0.30 7.32 -25.37
N TRP A 395 -0.18 6.37 -24.45
CA TRP A 395 0.20 5.03 -24.87
C TRP A 395 -0.71 3.96 -24.27
N ALA A 396 -0.96 2.90 -25.01
CA ALA A 396 -1.71 1.77 -24.50
C ALA A 396 -0.80 0.82 -23.74
N ALA A 397 -1.36 0.10 -22.78
CA ALA A 397 -0.59 -0.93 -22.08
C ALA A 397 -0.24 -2.04 -23.06
N ARG A 398 0.98 -2.55 -22.98
CA ARG A 398 1.36 -3.64 -23.87
C ARG A 398 1.43 -5.00 -23.18
N SER A 399 1.65 -4.99 -21.88
CA SER A 399 1.80 -6.25 -21.17
C SER A 399 1.23 -6.17 -19.76
N GLY A 400 -0.08 -6.01 -19.67
CA GLY A 400 -0.75 -5.96 -18.37
C GLY A 400 -0.65 -4.61 -17.67
N CYS A 401 0.59 -4.22 -17.32
CA CYS A 401 0.90 -3.00 -16.57
C CYS A 401 0.56 -1.74 -17.37
N PRO A 402 -0.29 -0.86 -16.85
CA PRO A 402 -0.66 0.41 -17.44
C PRO A 402 0.60 1.24 -17.56
N PRO A 403 0.67 2.14 -18.54
CA PRO A 403 1.79 3.03 -18.78
C PRO A 403 2.07 3.84 -17.53
N SER A 404 1.03 4.05 -16.74
CA SER A 404 1.14 4.74 -15.47
C SER A 404 1.74 6.12 -15.67
N PHE A 405 1.23 6.84 -16.65
CA PHE A 405 1.73 8.18 -16.92
C PHE A 405 1.49 9.07 -15.73
N GLY A 406 2.57 9.66 -15.23
CA GLY A 406 2.46 10.53 -14.07
C GLY A 406 2.92 9.85 -12.79
N TYR A 407 3.33 8.59 -12.90
CA TYR A 407 3.82 7.84 -11.74
C TYR A 407 4.97 8.58 -11.05
N SER A 408 5.89 9.10 -11.86
CA SER A 408 7.05 9.82 -11.33
C SER A 408 7.27 11.11 -12.11
N MET A 409 7.38 12.22 -11.38
CA MET A 409 7.53 13.52 -12.01
C MET A 409 8.60 14.37 -11.35
N LYS A 410 9.24 15.24 -12.15
CA LYS A 410 10.15 16.23 -11.61
C LYS A 410 10.07 17.56 -12.37
N GLY A 411 9.96 18.66 -11.65
CA GLY A 411 9.94 19.96 -12.30
C GLY A 411 10.95 20.93 -11.70
N ALA A 412 10.68 22.21 -11.89
CA ALA A 412 11.48 23.34 -11.36
C ALA A 412 12.88 23.42 -11.96
N THR A 413 13.08 22.83 -13.13
CA THR A 413 14.34 22.96 -13.85
C THR A 413 14.05 23.46 -15.24
N ASP A 414 14.77 24.48 -15.69
CA ASP A 414 14.52 25.05 -17.01
C ASP A 414 15.58 24.56 -18.01
N ILE A 415 15.18 23.64 -18.90
CA ILE A 415 16.11 23.03 -19.85
C ILE A 415 16.21 23.82 -21.13
N ASP A 416 15.09 24.36 -21.60
CA ASP A 416 15.13 25.11 -22.86
C ASP A 416 15.54 26.58 -22.67
N LYS A 417 15.93 26.91 -21.44
CA LYS A 417 16.45 28.24 -21.09
C LYS A 417 15.55 29.39 -21.50
N ASN A 418 14.29 29.38 -21.07
CA ASN A 418 13.39 30.48 -21.44
C ASN A 418 12.81 31.17 -20.21
N GLY A 419 13.22 30.73 -19.02
CA GLY A 419 12.78 31.31 -17.76
C GLY A 419 11.60 30.58 -17.13
N TYR A 420 10.97 29.70 -17.88
CA TYR A 420 9.82 28.96 -17.40
C TYR A 420 10.20 27.48 -17.23
N PRO A 421 10.20 26.95 -16.01
CA PRO A 421 10.70 25.65 -15.64
C PRO A 421 9.90 24.58 -16.34
N ASP A 422 10.55 23.50 -16.70
CA ASP A 422 9.90 22.44 -17.46
C ASP A 422 9.51 21.30 -16.54
N LEU A 423 8.85 20.28 -17.10
CA LEU A 423 8.39 19.13 -16.33
C LEU A 423 8.65 17.80 -17.03
N ILE A 424 9.34 16.90 -16.35
CA ILE A 424 9.59 15.59 -16.93
C ILE A 424 8.70 14.55 -16.25
N VAL A 425 7.98 13.80 -17.07
CA VAL A 425 7.02 12.84 -16.56
C VAL A 425 7.32 11.42 -17.04
N GLY A 426 7.45 10.49 -16.11
CA GLY A 426 7.71 9.10 -16.46
C GLY A 426 6.43 8.35 -16.80
N ALA A 427 6.57 7.28 -17.58
CA ALA A 427 5.49 6.37 -17.95
C ALA A 427 6.09 4.98 -18.13
N PHE A 428 6.61 4.43 -17.05
CA PHE A 428 7.41 3.21 -17.07
C PHE A 428 6.69 1.97 -17.56
N GLY A 429 5.36 1.95 -17.49
CA GLY A 429 4.63 0.75 -17.89
C GLY A 429 4.82 0.44 -19.36
N VAL A 430 5.26 1.44 -20.13
CA VAL A 430 5.52 1.27 -21.55
C VAL A 430 6.97 1.61 -21.88
N ASP A 431 7.82 1.67 -20.84
CA ASP A 431 9.24 2.00 -20.97
C ASP A 431 9.50 3.35 -21.63
N ARG A 432 8.73 4.37 -21.24
CA ARG A 432 8.92 5.70 -21.80
C ARG A 432 9.02 6.81 -20.76
N ALA A 433 9.62 7.91 -21.20
CA ALA A 433 9.71 9.13 -20.41
C ALA A 433 9.48 10.30 -21.32
N ILE A 434 8.70 11.27 -20.87
CA ILE A 434 8.35 12.39 -21.72
C ILE A 434 8.59 13.74 -21.06
N LEU A 435 9.24 14.65 -21.78
CA LEU A 435 9.50 15.99 -21.27
C LEU A 435 8.54 17.02 -21.84
N TYR A 436 7.82 17.67 -20.93
CA TYR A 436 6.89 18.74 -21.29
C TYR A 436 7.53 20.07 -20.96
N ARG A 437 7.63 20.94 -21.93
CA ARG A 437 8.27 22.21 -21.67
C ARG A 437 7.23 23.29 -21.42
N ALA A 438 7.60 24.26 -20.57
CA ALA A 438 6.69 25.33 -20.23
C ALA A 438 6.85 26.52 -21.17
N ARG A 439 5.73 26.98 -21.68
CA ARG A 439 5.68 28.11 -22.58
C ARG A 439 5.69 29.42 -21.80
N PRO A 440 6.21 30.51 -22.39
CA PRO A 440 6.10 31.86 -21.91
C PRO A 440 4.65 32.24 -21.77
N VAL A 441 4.35 33.05 -20.76
CA VAL A 441 2.99 33.49 -20.51
C VAL A 441 2.88 34.97 -20.78
N ILE A 442 1.97 35.32 -21.69
CA ILE A 442 1.79 36.71 -22.07
C ILE A 442 0.51 37.30 -21.48
N THR A 443 0.67 38.36 -20.71
CA THR A 443 -0.46 39.03 -20.08
C THR A 443 -0.81 40.29 -20.86
N VAL A 444 -2.11 40.45 -21.20
CA VAL A 444 -2.62 41.60 -21.95
C VAL A 444 -3.78 42.21 -21.15
N VAL B 1 -44.37 12.30 -18.66
CA VAL B 1 -43.73 11.71 -17.49
C VAL B 1 -44.69 10.66 -16.88
N HIS B 2 -44.16 9.45 -16.61
CA HIS B 2 -44.95 8.34 -16.06
C HIS B 2 -44.11 7.26 -15.38
N VAL B 3 -44.80 6.42 -14.61
CA VAL B 3 -44.20 5.22 -14.02
C VAL B 3 -45.01 3.98 -14.39
N ILE B 4 -44.34 2.99 -14.98
CA ILE B 4 -44.97 1.74 -15.35
C ILE B 4 -44.44 0.57 -14.55
N ILE B 5 -45.34 -0.12 -13.89
CA ILE B 5 -44.98 -1.32 -13.16
C ILE B 5 -45.56 -2.51 -13.91
N PRO B 6 -44.74 -3.43 -14.41
CA PRO B 6 -45.14 -4.61 -15.18
C PRO B 6 -46.16 -5.41 -14.40
N THR B 7 -47.12 -5.97 -15.13
CA THR B 7 -48.18 -6.80 -14.56
C THR B 7 -47.90 -8.26 -14.82
N GLU B 8 -46.71 -8.52 -15.32
CA GLU B 8 -46.22 -9.86 -15.64
C GLU B 8 -45.83 -10.55 -14.36
N ASN B 9 -45.81 -11.88 -14.37
CA ASN B 9 -45.39 -12.60 -13.19
C ASN B 9 -43.99 -12.17 -12.78
N GLU B 10 -43.82 -11.88 -11.50
CA GLU B 10 -42.53 -11.46 -10.99
C GLU B 10 -41.54 -12.62 -10.99
N ILE B 11 -40.28 -12.31 -11.23
CA ILE B 11 -39.24 -13.33 -11.20
C ILE B 11 -38.49 -13.31 -9.87
N ASN B 12 -38.64 -12.22 -9.13
CA ASN B 12 -38.01 -12.09 -7.81
C ASN B 12 -38.99 -12.55 -6.74
N THR B 13 -38.47 -13.03 -5.62
CA THR B 13 -39.28 -13.42 -4.48
C THR B 13 -39.15 -12.44 -3.33
N GLN B 14 -38.00 -11.79 -3.21
CA GLN B 14 -37.71 -10.90 -2.09
C GLN B 14 -37.76 -9.45 -2.47
N VAL B 15 -37.26 -9.14 -3.67
CA VAL B 15 -37.18 -7.74 -4.10
C VAL B 15 -38.12 -7.43 -5.25
N THR B 16 -39.18 -6.68 -4.98
CA THR B 16 -40.15 -6.39 -6.03
C THR B 16 -40.52 -4.91 -6.07
N PRO B 17 -40.93 -4.40 -7.23
CA PRO B 17 -41.01 -5.01 -8.56
C PRO B 17 -39.62 -5.38 -9.08
N GLY B 18 -39.53 -6.49 -9.81
CA GLY B 18 -38.26 -6.93 -10.37
C GLY B 18 -37.76 -5.97 -11.44
N GLU B 19 -38.70 -5.39 -12.17
CA GLU B 19 -38.37 -4.42 -13.21
C GLU B 19 -39.32 -3.23 -13.13
N VAL B 20 -38.78 -2.06 -13.37
CA VAL B 20 -39.54 -0.81 -13.39
C VAL B 20 -39.20 -0.01 -14.64
N SER B 21 -40.20 0.64 -15.23
CA SER B 21 -39.93 1.50 -16.38
C SER B 21 -40.55 2.86 -16.19
N ILE B 22 -39.74 3.91 -16.34
CA ILE B 22 -40.25 5.26 -16.14
C ILE B 22 -39.89 6.15 -17.33
N GLN B 23 -40.58 7.28 -17.42
CA GLN B 23 -40.25 8.30 -18.41
C GLN B 23 -40.05 9.65 -17.74
N LEU B 24 -38.93 10.29 -18.05
CA LEU B 24 -38.56 11.59 -17.50
C LEU B 24 -38.20 12.64 -18.55
N ARG B 25 -38.38 13.89 -18.17
CA ARG B 25 -37.97 15.05 -18.95
C ARG B 25 -37.16 15.90 -17.98
N PRO B 26 -36.24 16.75 -18.42
CA PRO B 26 -35.42 17.55 -17.54
C PRO B 26 -36.31 18.46 -16.70
N GLY B 27 -36.03 18.48 -15.40
CA GLY B 27 -36.77 19.28 -14.44
C GLY B 27 -37.90 18.49 -13.79
N ALA B 28 -38.17 17.28 -14.31
CA ALA B 28 -39.24 16.44 -13.79
C ALA B 28 -38.72 15.30 -12.93
N GLU B 29 -39.61 14.76 -12.11
CA GLU B 29 -39.29 13.61 -11.28
C GLU B 29 -40.42 12.60 -11.31
N ALA B 30 -40.08 11.36 -10.99
CA ALA B 30 -41.04 10.28 -10.87
C ALA B 30 -40.62 9.38 -9.72
N ASN B 31 -41.56 8.69 -9.10
CA ASN B 31 -41.16 7.83 -7.98
C ASN B 31 -42.00 6.57 -7.88
N PHE B 32 -41.46 5.62 -7.13
CA PHE B 32 -42.12 4.36 -6.86
C PHE B 32 -41.64 3.77 -5.55
N MET B 33 -42.36 2.79 -5.03
CA MET B 33 -41.88 2.11 -3.84
C MET B 33 -41.24 0.79 -4.20
N LEU B 34 -40.06 0.56 -3.65
CA LEU B 34 -39.35 -0.70 -3.80
C LEU B 34 -39.53 -1.49 -2.52
N LYS B 35 -40.07 -2.69 -2.64
CA LYS B 35 -40.37 -3.47 -1.45
C LYS B 35 -39.43 -4.65 -1.28
N VAL B 36 -38.81 -4.74 -0.10
CA VAL B 36 -37.91 -5.85 0.16
C VAL B 36 -38.44 -6.67 1.33
N HIS B 37 -38.66 -7.95 1.07
CA HIS B 37 -39.17 -8.86 2.09
C HIS B 37 -38.29 -10.09 2.22
N PRO B 38 -37.29 -10.07 3.10
CA PRO B 38 -36.31 -11.11 3.32
C PRO B 38 -37.00 -12.42 3.67
N LEU B 39 -36.40 -13.52 3.23
CA LEU B 39 -36.93 -14.84 3.49
C LEU B 39 -36.25 -15.48 4.69
N LYS B 40 -36.92 -16.48 5.23
CA LYS B 40 -36.34 -17.31 6.26
C LYS B 40 -35.77 -18.55 5.60
N LYS B 41 -34.84 -19.23 6.27
CA LYS B 41 -34.31 -20.48 5.75
C LYS B 41 -33.70 -20.38 4.35
N TYR B 42 -32.68 -19.52 4.20
CA TYR B 42 -31.96 -19.39 2.94
C TYR B 42 -30.99 -20.56 2.78
N PRO B 43 -30.68 -20.98 1.55
CA PRO B 43 -29.51 -21.78 1.25
C PRO B 43 -28.31 -20.93 1.60
N VAL B 44 -27.26 -21.51 2.18
CA VAL B 44 -26.08 -20.74 2.57
C VAL B 44 -24.77 -21.38 2.10
N ASP B 45 -23.94 -20.56 1.46
CA ASP B 45 -22.62 -20.98 1.02
C ASP B 45 -21.54 -20.32 1.88
N LEU B 46 -20.87 -21.09 2.74
CA LEU B 46 -19.86 -20.49 3.60
C LEU B 46 -18.45 -20.92 3.24
N TYR B 47 -17.62 -19.96 2.87
CA TYR B 47 -16.25 -20.25 2.49
C TYR B 47 -15.29 -19.73 3.54
N TYR B 48 -14.41 -20.60 4.02
CA TYR B 48 -13.40 -20.20 5.00
C TYR B 48 -12.10 -19.82 4.34
N LEU B 49 -11.73 -18.56 4.49
CA LEU B 49 -10.48 -18.08 3.95
C LEU B 49 -9.56 -17.82 5.13
N VAL B 50 -8.52 -18.63 5.25
CA VAL B 50 -7.74 -18.59 6.47
C VAL B 50 -6.29 -18.19 6.29
N ASP B 51 -5.87 -17.29 7.17
CA ASP B 51 -4.49 -16.84 7.27
C ASP B 51 -3.66 -17.97 7.85
N VAL B 52 -2.68 -18.46 7.10
CA VAL B 52 -1.86 -19.57 7.55
C VAL B 52 -0.41 -19.16 7.69
N SER B 53 -0.19 -17.87 7.95
CA SER B 53 1.15 -17.36 8.22
C SER B 53 1.60 -17.88 9.58
N ALA B 54 2.87 -17.74 9.90
CA ALA B 54 3.45 -18.39 11.07
C ALA B 54 2.77 -17.98 12.37
N SER B 55 2.35 -16.72 12.46
CA SER B 55 1.73 -16.19 13.67
C SER B 55 0.38 -16.85 13.99
N MET B 56 -0.20 -17.54 13.02
CA MET B 56 -1.49 -18.22 13.17
C MET B 56 -1.37 -19.67 13.59
N HIS B 57 -0.17 -20.14 13.86
CA HIS B 57 0.01 -21.56 14.17
C HIS B 57 -0.82 -22.03 15.37
N ASN B 58 -1.16 -21.13 16.29
CA ASN B 58 -1.98 -21.54 17.44
C ASN B 58 -3.48 -21.39 17.18
N ASN B 59 -3.85 -20.90 16.01
CA ASN B 59 -5.25 -20.71 15.69
C ASN B 59 -5.78 -21.65 14.62
N ILE B 60 -4.90 -22.18 13.77
CA ILE B 60 -5.38 -23.01 12.67
C ILE B 60 -6.07 -24.26 13.20
N GLU B 61 -5.51 -24.83 14.25
CA GLU B 61 -6.04 -26.06 14.83
C GLU B 61 -7.45 -25.87 15.41
N LYS B 62 -7.87 -24.63 15.59
CA LYS B 62 -9.16 -24.36 16.19
C LYS B 62 -10.26 -24.52 15.15
N LEU B 63 -9.85 -24.69 13.90
CA LEU B 63 -10.78 -24.93 12.80
C LEU B 63 -11.07 -26.41 12.65
N ASN B 64 -10.43 -27.23 13.45
CA ASN B 64 -10.62 -28.66 13.32
C ASN B 64 -12.03 -29.07 13.73
N SER B 65 -12.73 -28.17 14.44
CA SER B 65 -14.08 -28.40 14.93
C SER B 65 -15.11 -27.35 14.47
N VAL B 66 -14.94 -26.79 13.27
CA VAL B 66 -15.93 -25.81 12.80
C VAL B 66 -16.74 -26.35 11.62
N GLY B 67 -16.73 -27.67 11.47
CA GLY B 67 -17.49 -28.35 10.42
C GLY B 67 -18.86 -28.76 10.91
N ASN B 68 -18.94 -29.95 11.51
CA ASN B 68 -20.23 -30.49 11.97
C ASN B 68 -20.95 -29.62 12.99
N ASP B 69 -20.20 -28.97 13.88
CA ASP B 69 -20.85 -28.17 14.91
C ASP B 69 -21.53 -26.94 14.32
N LEU B 70 -20.91 -26.35 13.32
CA LEU B 70 -21.45 -25.17 12.67
C LEU B 70 -22.63 -25.56 11.80
N SER B 71 -22.51 -26.72 11.14
CA SER B 71 -23.57 -27.21 10.28
C SER B 71 -24.85 -27.39 11.09
N ARG B 72 -24.71 -27.94 12.30
CA ARG B 72 -25.87 -28.10 13.16
C ARG B 72 -26.45 -26.76 13.59
N LYS B 73 -25.61 -25.81 14.00
CA LYS B 73 -26.13 -24.53 14.47
C LYS B 73 -26.85 -23.76 13.38
N MET B 74 -26.32 -23.84 12.16
CA MET B 74 -26.90 -23.15 11.02
C MET B 74 -28.22 -23.76 10.56
N ALA B 75 -28.56 -24.92 11.10
CA ALA B 75 -29.77 -25.64 10.70
C ALA B 75 -31.02 -24.86 11.03
N PHE B 76 -30.90 -23.91 11.96
CA PHE B 76 -32.06 -23.15 12.39
C PHE B 76 -32.09 -21.79 11.71
N PHE B 77 -31.12 -21.53 10.85
CA PHE B 77 -31.01 -20.25 10.18
C PHE B 77 -31.00 -20.40 8.65
N SER B 78 -30.70 -21.62 8.20
CA SER B 78 -30.55 -21.92 6.78
C SER B 78 -31.32 -23.17 6.38
N ARG B 79 -31.43 -23.37 5.08
CA ARG B 79 -32.10 -24.54 4.50
C ARG B 79 -31.15 -25.56 3.92
N ASP B 80 -30.02 -25.08 3.42
CA ASP B 80 -29.05 -25.89 2.69
C ASP B 80 -27.65 -25.34 2.91
N PHE B 81 -26.86 -25.97 3.79
CA PHE B 81 -25.58 -25.41 4.21
C PHE B 81 -24.35 -26.12 3.63
N ARG B 82 -23.52 -25.37 2.90
CA ARG B 82 -22.31 -25.89 2.27
C ARG B 82 -21.05 -25.20 2.79
N LEU B 83 -19.95 -25.94 2.88
CA LEU B 83 -18.67 -25.39 3.31
C LEU B 83 -17.56 -25.49 2.27
N GLY B 84 -16.69 -24.49 2.26
CA GLY B 84 -15.48 -24.54 1.41
C GLY B 84 -14.26 -24.06 2.20
N PHE B 85 -13.08 -24.10 1.58
CA PHE B 85 -11.86 -23.75 2.30
C PHE B 85 -10.68 -23.33 1.42
N GLY B 86 -9.96 -22.31 1.86
CA GLY B 86 -8.73 -21.92 1.19
C GLY B 86 -7.80 -21.22 2.16
N SER B 87 -6.60 -20.87 1.70
CA SER B 87 -5.62 -20.28 2.60
C SER B 87 -4.70 -19.29 1.93
N TYR B 88 -4.12 -18.40 2.73
CA TYR B 88 -3.18 -17.43 2.21
C TYR B 88 -2.08 -17.06 3.19
N VAL B 89 -0.97 -16.53 2.66
CA VAL B 89 0.08 -16.02 3.52
C VAL B 89 0.49 -14.60 3.13
N ASP B 90 1.29 -14.49 2.07
CA ASP B 90 1.85 -13.21 1.68
C ASP B 90 2.48 -13.29 0.30
N LYS B 91 3.03 -12.20 -0.19
CA LYS B 91 3.75 -12.26 -1.45
C LYS B 91 5.11 -12.92 -1.25
N THR B 92 5.48 -13.83 -2.15
CA THR B 92 6.72 -14.58 -2.01
C THR B 92 7.90 -13.85 -2.63
N VAL B 93 8.13 -12.63 -2.17
CA VAL B 93 9.20 -11.80 -2.67
C VAL B 93 9.95 -11.09 -1.54
N SER B 94 11.17 -10.65 -1.83
CA SER B 94 11.91 -9.80 -0.90
C SER B 94 11.20 -8.45 -0.88
N PRO B 95 11.15 -7.76 0.26
CA PRO B 95 11.63 -8.06 1.59
C PRO B 95 10.63 -8.78 2.49
N TYR B 96 9.59 -9.37 1.93
CA TYR B 96 8.53 -9.92 2.76
C TYR B 96 8.92 -11.28 3.29
N ILE B 97 9.72 -11.98 2.50
CA ILE B 97 10.26 -13.29 2.87
C ILE B 97 11.77 -13.29 2.71
N SER B 98 12.44 -14.24 3.35
CA SER B 98 13.88 -14.41 3.13
C SER B 98 14.07 -15.06 1.77
N ILE B 99 15.11 -14.64 1.05
CA ILE B 99 15.35 -15.23 -0.26
C ILE B 99 16.67 -15.98 -0.37
N HIS B 100 17.32 -16.23 0.76
CA HIS B 100 18.55 -17.01 0.76
C HIS B 100 18.18 -18.46 0.41
N PRO B 101 18.92 -19.14 -0.47
CA PRO B 101 18.69 -20.49 -0.93
C PRO B 101 18.44 -21.54 0.15
N GLU B 102 19.01 -21.39 1.34
CA GLU B 102 18.78 -22.41 2.36
C GLU B 102 17.47 -22.24 3.11
N ARG B 103 16.82 -21.09 2.96
CA ARG B 103 15.58 -20.84 3.68
C ARG B 103 14.43 -20.33 2.81
N ILE B 104 14.68 -20.02 1.54
CA ILE B 104 13.62 -19.45 0.72
C ILE B 104 12.37 -20.34 0.61
N HIS B 105 12.54 -21.66 0.61
CA HIS B 105 11.40 -22.57 0.47
C HIS B 105 10.93 -23.07 1.83
N ASN B 106 11.54 -22.55 2.89
CA ASN B 106 11.19 -22.90 4.25
C ASN B 106 11.53 -21.74 5.16
N GLN B 107 10.56 -20.91 5.42
CA GLN B 107 10.82 -19.69 6.19
C GLN B 107 10.99 -19.97 7.69
N CYS B 108 10.85 -21.24 8.13
CA CYS B 108 11.04 -21.68 9.49
C CYS B 108 12.34 -22.48 9.62
N SER B 109 13.14 -22.48 8.55
CA SER B 109 14.37 -23.26 8.54
C SER B 109 15.27 -22.90 9.72
N ASP B 110 15.30 -21.61 10.04
CA ASP B 110 16.13 -21.08 11.12
C ASP B 110 15.73 -21.63 12.48
N TYR B 111 14.53 -22.18 12.59
CA TYR B 111 14.01 -22.70 13.84
C TYR B 111 13.89 -24.22 13.77
N ASN B 112 14.45 -24.79 12.70
CA ASN B 112 14.43 -26.23 12.45
C ASN B 112 13.03 -26.84 12.38
N LEU B 113 12.09 -26.16 11.73
CA LEU B 113 10.75 -26.72 11.59
C LEU B 113 10.38 -27.05 10.15
N ASP B 114 9.54 -28.05 9.97
CA ASP B 114 9.07 -28.41 8.63
C ASP B 114 7.84 -27.58 8.23
N CYS B 115 8.06 -26.28 7.94
CA CYS B 115 7.00 -25.36 7.52
C CYS B 115 6.77 -25.44 6.03
N MET B 116 5.55 -25.14 5.64
CA MET B 116 5.12 -25.10 4.26
C MET B 116 5.72 -23.88 3.55
N PRO B 117 6.19 -24.00 2.30
CA PRO B 117 6.69 -22.92 1.49
C PRO B 117 5.64 -21.83 1.45
N PRO B 118 6.04 -20.55 1.38
CA PRO B 118 5.18 -19.40 1.37
C PRO B 118 4.44 -19.34 0.04
N HIS B 119 3.26 -18.75 0.06
CA HIS B 119 2.43 -18.59 -1.12
C HIS B 119 1.49 -17.41 -0.95
N GLY B 120 0.87 -17.00 -2.04
CA GLY B 120 -0.12 -15.92 -1.97
C GLY B 120 -1.45 -16.50 -1.57
N TYR B 121 -2.24 -16.93 -2.57
CA TYR B 121 -3.51 -17.57 -2.29
C TYR B 121 -3.67 -18.91 -2.97
N ILE B 122 -4.05 -19.91 -2.19
CA ILE B 122 -4.34 -21.25 -2.69
C ILE B 122 -5.75 -21.70 -2.33
N HIS B 123 -6.45 -22.22 -3.32
CA HIS B 123 -7.78 -22.76 -3.13
C HIS B 123 -7.67 -24.24 -2.81
N VAL B 124 -8.20 -24.66 -1.66
CA VAL B 124 -8.03 -26.04 -1.23
C VAL B 124 -9.26 -26.89 -1.52
N LEU B 125 -10.43 -26.38 -1.14
CA LEU B 125 -11.67 -27.10 -1.28
C LEU B 125 -12.81 -26.24 -1.83
N SER B 126 -13.47 -26.74 -2.87
CA SER B 126 -14.64 -26.06 -3.43
C SER B 126 -15.82 -26.23 -2.49
N LEU B 127 -16.82 -25.37 -2.63
CA LEU B 127 -17.97 -25.45 -1.76
C LEU B 127 -18.67 -26.80 -1.92
N THR B 128 -18.95 -27.44 -0.79
CA THR B 128 -19.59 -28.75 -0.82
C THR B 128 -20.55 -29.02 0.31
N GLU B 129 -21.54 -29.84 0.01
CA GLU B 129 -22.51 -30.36 0.97
C GLU B 129 -21.89 -31.36 1.98
N ASN B 130 -20.63 -31.73 1.71
CA ASN B 130 -20.00 -32.89 2.41
C ASN B 130 -19.09 -32.34 3.54
N ILE B 131 -19.61 -32.27 4.76
CA ILE B 131 -18.96 -31.64 5.91
C ILE B 131 -17.65 -32.36 6.25
N THR B 132 -17.65 -33.69 6.11
CA THR B 132 -16.45 -34.47 6.39
C THR B 132 -15.31 -34.01 5.48
N GLU B 133 -15.62 -33.76 4.20
CA GLU B 133 -14.62 -33.30 3.25
C GLU B 133 -14.02 -31.97 3.71
N PHE B 134 -14.87 -31.06 4.20
CA PHE B 134 -14.37 -29.80 4.74
C PHE B 134 -13.41 -30.01 5.89
N GLU B 135 -13.81 -30.82 6.86
CA GLU B 135 -12.97 -31.01 8.01
C GLU B 135 -11.64 -31.62 7.60
N LYS B 136 -11.65 -32.55 6.65
CA LYS B 136 -10.42 -33.17 6.18
C LYS B 136 -9.48 -32.14 5.55
N ALA B 137 -10.05 -31.24 4.72
CA ALA B 137 -9.26 -30.20 4.05
C ALA B 137 -8.55 -29.32 5.08
N VAL B 138 -9.21 -29.08 6.21
CA VAL B 138 -8.62 -28.29 7.28
C VAL B 138 -7.57 -29.06 8.05
N HIS B 139 -7.87 -30.32 8.37
CA HIS B 139 -6.99 -31.13 9.19
C HIS B 139 -5.62 -31.35 8.56
N ARG B 140 -5.58 -31.42 7.23
CA ARG B 140 -4.32 -31.64 6.52
C ARG B 140 -3.60 -30.35 6.11
N GLN B 141 -4.10 -29.20 6.55
CA GLN B 141 -3.48 -27.92 6.21
C GLN B 141 -2.22 -27.66 7.04
N LYS B 142 -1.13 -27.32 6.35
CA LYS B 142 0.13 -27.00 7.03
C LYS B 142 0.29 -25.50 7.22
N ILE B 143 1.17 -25.13 8.16
CA ILE B 143 1.45 -23.73 8.46
C ILE B 143 2.70 -23.28 7.72
N SER B 144 2.71 -22.03 7.24
CA SER B 144 3.86 -21.44 6.57
C SER B 144 4.49 -20.34 7.41
N GLY B 145 4.94 -19.26 6.74
CA GLY B 145 5.55 -18.13 7.44
C GLY B 145 6.20 -17.12 6.51
N ASN B 146 6.50 -15.94 7.05
CA ASN B 146 7.17 -14.86 6.33
C ASN B 146 7.88 -13.95 7.34
N ILE B 147 8.44 -12.82 6.92
CA ILE B 147 9.16 -11.98 7.87
C ILE B 147 8.29 -10.86 8.46
N ASP B 148 7.61 -10.10 7.59
CA ASP B 148 6.90 -8.91 8.08
C ASP B 148 5.56 -9.26 8.73
N THR B 149 5.20 -8.48 9.75
CA THR B 149 3.97 -8.71 10.52
C THR B 149 2.65 -8.73 9.71
N PRO B 150 2.37 -7.77 8.80
CA PRO B 150 1.13 -7.69 8.02
C PRO B 150 1.05 -8.85 7.03
N GLU B 151 -0.18 -9.21 6.63
CA GLU B 151 -0.39 -10.33 5.72
C GLU B 151 -1.22 -9.95 4.47
N GLY B 152 -1.14 -10.77 3.42
CA GLY B 152 -1.85 -10.49 2.16
C GLY B 152 -3.32 -10.92 2.14
N GLY B 153 -4.07 -10.46 3.14
CA GLY B 153 -5.46 -10.83 3.33
C GLY B 153 -6.40 -10.31 2.25
N PHE B 154 -6.23 -9.05 1.86
CA PHE B 154 -7.17 -8.44 0.92
C PHE B 154 -7.00 -9.05 -0.46
N ASP B 155 -5.77 -9.46 -0.79
CA ASP B 155 -5.50 -10.05 -2.09
C ASP B 155 -6.16 -11.42 -2.19
N ALA B 156 -6.06 -12.21 -1.12
CA ALA B 156 -6.71 -13.51 -1.10
C ALA B 156 -8.22 -13.38 -1.15
N MET B 157 -8.78 -12.38 -0.46
CA MET B 157 -10.22 -12.17 -0.46
C MET B 157 -10.75 -11.88 -1.84
N LEU B 158 -10.04 -11.06 -2.59
CA LEU B 158 -10.53 -10.73 -3.91
C LEU B 158 -10.60 -11.99 -4.76
N GLN B 159 -9.57 -12.83 -4.74
CA GLN B 159 -9.60 -14.03 -5.58
C GLN B 159 -10.73 -14.97 -5.16
N ALA B 160 -10.94 -15.09 -3.85
CA ALA B 160 -12.01 -15.96 -3.37
C ALA B 160 -13.37 -15.47 -3.87
N ALA B 161 -13.53 -14.15 -3.98
CA ALA B 161 -14.79 -13.57 -4.40
C ALA B 161 -15.01 -13.64 -5.91
N VAL B 162 -13.98 -13.38 -6.71
CA VAL B 162 -14.16 -13.32 -8.16
C VAL B 162 -14.16 -14.68 -8.88
N CYS B 163 -13.38 -15.67 -8.39
CA CYS B 163 -13.22 -16.97 -9.04
C CYS B 163 -14.42 -17.89 -8.76
N GLU B 164 -15.60 -17.41 -9.16
CA GLU B 164 -16.86 -18.08 -8.90
C GLU B 164 -16.94 -19.49 -9.46
N SER B 165 -16.39 -19.68 -10.65
CA SER B 165 -16.41 -20.97 -11.32
C SER B 165 -15.50 -22.01 -10.67
N HIS B 166 -14.60 -21.56 -9.79
CA HIS B 166 -13.70 -22.47 -9.11
C HIS B 166 -14.22 -22.77 -7.72
N ILE B 167 -14.71 -21.74 -7.04
CA ILE B 167 -15.20 -21.87 -5.67
C ILE B 167 -16.50 -22.64 -5.67
N GLY B 168 -17.35 -22.39 -6.66
CA GLY B 168 -18.63 -23.06 -6.75
C GLY B 168 -19.72 -22.32 -5.99
N TRP B 169 -19.67 -20.99 -6.05
CA TRP B 169 -20.70 -20.21 -5.35
C TRP B 169 -22.02 -20.39 -6.09
N ARG B 170 -23.12 -20.57 -5.36
CA ARG B 170 -24.43 -20.64 -5.99
C ARG B 170 -25.08 -19.28 -6.02
N LYS B 171 -25.84 -19.00 -7.07
CA LYS B 171 -26.60 -17.76 -7.08
C LYS B 171 -27.74 -17.85 -6.08
N GLU B 172 -28.38 -19.01 -6.04
CA GLU B 172 -29.51 -19.27 -5.17
C GLU B 172 -29.09 -19.57 -3.74
N ALA B 173 -28.21 -18.75 -3.19
CA ALA B 173 -27.70 -18.95 -1.84
C ALA B 173 -27.19 -17.66 -1.26
N LYS B 174 -27.13 -17.61 0.06
CA LYS B 174 -26.55 -16.49 0.76
C LYS B 174 -25.06 -16.75 0.81
N ARG B 175 -24.29 -15.89 0.16
CA ARG B 175 -22.85 -16.12 0.03
C ARG B 175 -22.07 -15.47 1.16
N LEU B 176 -21.40 -16.28 1.97
CA LEU B 176 -20.65 -15.77 3.11
C LEU B 176 -19.16 -16.05 2.99
N LEU B 177 -18.36 -15.00 3.05
CA LEU B 177 -16.91 -15.12 3.04
C LEU B 177 -16.37 -14.79 4.42
N LEU B 178 -15.81 -15.78 5.09
CA LEU B 178 -15.29 -15.60 6.43
C LEU B 178 -13.79 -15.50 6.40
N VAL B 179 -13.27 -14.40 6.93
CA VAL B 179 -11.83 -14.16 6.90
C VAL B 179 -11.24 -14.28 8.29
N MET B 180 -10.35 -15.25 8.48
CA MET B 180 -9.78 -15.51 9.80
C MET B 180 -8.32 -15.08 9.90
N THR B 181 -8.04 -14.12 10.78
CA THR B 181 -6.69 -13.60 10.93
C THR B 181 -6.39 -13.07 12.34
N ASP B 182 -5.27 -12.36 12.47
CA ASP B 182 -4.77 -11.84 13.73
C ASP B 182 -4.25 -10.41 13.58
N GLN B 183 -3.40 -10.20 12.59
CA GLN B 183 -2.78 -8.92 12.31
C GLN B 183 -3.50 -8.17 11.20
N THR B 184 -3.03 -6.97 10.92
CA THR B 184 -3.62 -6.15 9.87
C THR B 184 -3.15 -6.68 8.52
N SER B 185 -3.82 -6.23 7.48
CA SER B 185 -3.47 -6.65 6.14
C SER B 185 -2.66 -5.59 5.42
N HIS B 186 -1.92 -6.02 4.42
CA HIS B 186 -1.19 -5.12 3.53
C HIS B 186 -2.13 -4.34 2.66
N LEU B 187 -1.72 -3.13 2.32
CA LEU B 187 -2.48 -2.24 1.47
C LEU B 187 -1.89 -2.22 0.07
N ALA B 188 -2.64 -1.67 -0.87
CA ALA B 188 -2.25 -1.67 -2.28
C ALA B 188 -0.86 -1.10 -2.52
N LEU B 189 -0.47 -0.08 -1.78
CA LEU B 189 0.78 0.59 -2.07
C LEU B 189 1.98 0.07 -1.27
N ASP B 190 1.77 -0.94 -0.44
CA ASP B 190 2.85 -1.48 0.38
C ASP B 190 3.80 -2.30 -0.48
N SER B 191 3.28 -2.81 -1.60
CA SER B 191 4.02 -3.70 -2.49
C SER B 191 5.18 -3.01 -3.18
N LYS B 192 5.20 -1.67 -3.16
CA LYS B 192 6.29 -0.93 -3.81
C LYS B 192 7.64 -1.38 -3.26
N LEU B 193 7.67 -1.76 -1.98
CA LEU B 193 8.91 -2.16 -1.32
C LEU B 193 9.53 -3.40 -1.98
N ALA B 194 8.72 -4.24 -2.59
CA ALA B 194 9.20 -5.46 -3.22
C ALA B 194 9.44 -5.26 -4.71
N GLY B 195 9.24 -4.03 -5.19
CA GLY B 195 9.40 -3.78 -6.61
C GLY B 195 8.15 -4.13 -7.40
N ILE B 196 7.01 -4.26 -6.72
CA ILE B 196 5.78 -4.59 -7.42
C ILE B 196 4.95 -3.32 -7.51
N VAL B 197 4.90 -2.77 -8.71
CA VAL B 197 4.29 -1.47 -8.94
C VAL B 197 3.14 -1.45 -9.96
N CYS B 198 2.56 -2.62 -10.26
CA CYS B 198 1.45 -2.77 -11.20
C CYS B 198 0.17 -3.15 -10.45
N PRO B 199 -0.95 -2.44 -10.70
CA PRO B 199 -2.21 -2.52 -9.99
C PRO B 199 -2.89 -3.85 -10.19
N ASN B 200 -3.69 -4.24 -9.21
CA ASN B 200 -4.49 -5.45 -9.27
C ASN B 200 -5.63 -5.22 -10.24
N ASP B 201 -5.78 -6.07 -11.25
CA ASP B 201 -6.81 -5.83 -12.26
C ASP B 201 -8.19 -6.35 -11.86
N GLY B 202 -8.28 -6.98 -10.70
CA GLY B 202 -9.55 -7.47 -10.21
C GLY B 202 -10.05 -8.75 -10.86
N ASN B 203 -9.22 -9.40 -11.67
CA ASN B 203 -9.67 -10.61 -12.35
C ASN B 203 -9.30 -11.87 -11.55
N CYS B 204 -9.74 -13.04 -12.04
CA CYS B 204 -9.44 -14.35 -11.47
C CYS B 204 -8.19 -14.92 -12.15
N HIS B 205 -7.20 -15.29 -11.35
CA HIS B 205 -5.98 -15.82 -11.93
C HIS B 205 -5.52 -17.09 -11.26
N LEU B 206 -6.40 -18.08 -11.17
CA LEU B 206 -6.01 -19.36 -10.60
C LEU B 206 -5.61 -20.31 -11.72
N LYS B 207 -4.54 -21.05 -11.50
CA LYS B 207 -4.12 -22.06 -12.47
C LYS B 207 -4.55 -23.42 -11.92
N ASN B 208 -3.65 -24.13 -11.25
CA ASN B 208 -4.05 -25.39 -10.66
C ASN B 208 -4.58 -25.14 -9.25
N ASN B 209 -5.65 -24.36 -9.17
CA ASN B 209 -6.24 -23.91 -7.92
C ASN B 209 -5.25 -23.04 -7.13
N VAL B 210 -4.27 -22.48 -7.82
CA VAL B 210 -3.25 -21.63 -7.22
C VAL B 210 -3.19 -20.29 -7.90
N TYR B 211 -3.17 -19.22 -7.11
CA TYR B 211 -3.04 -17.88 -7.64
C TYR B 211 -1.62 -17.67 -8.13
N VAL B 212 -1.47 -17.31 -9.40
CA VAL B 212 -0.15 -17.21 -10.00
C VAL B 212 0.29 -15.80 -10.37
N LYS B 213 -0.44 -14.80 -9.91
CA LYS B 213 -0.07 -13.41 -10.16
C LYS B 213 0.36 -12.72 -8.87
N SER B 214 0.53 -13.51 -7.82
CA SER B 214 0.81 -12.96 -6.49
C SER B 214 2.10 -12.15 -6.45
N THR B 215 3.07 -12.48 -7.29
CA THR B 215 4.33 -11.77 -7.28
C THR B 215 4.43 -10.71 -8.37
N THR B 216 3.39 -10.53 -9.17
CA THR B 216 3.46 -9.52 -10.23
C THR B 216 2.44 -8.42 -10.02
N MET B 217 1.38 -8.72 -9.28
CA MET B 217 0.34 -7.73 -8.99
C MET B 217 0.37 -7.30 -7.54
N GLU B 218 0.09 -6.04 -7.31
CA GLU B 218 0.04 -5.51 -5.94
C GLU B 218 -1.27 -5.90 -5.26
N HIS B 219 -1.41 -5.52 -4.00
CA HIS B 219 -2.61 -5.83 -3.23
C HIS B 219 -3.73 -4.95 -3.77
N PRO B 220 -4.99 -5.35 -3.67
CA PRO B 220 -6.14 -4.55 -4.01
C PRO B 220 -6.36 -3.48 -2.96
N SER B 221 -6.99 -2.39 -3.35
CA SER B 221 -7.39 -1.35 -2.41
C SER B 221 -8.70 -1.74 -1.73
N LEU B 222 -9.08 -1.01 -0.67
CA LEU B 222 -10.36 -1.28 -0.04
C LEU B 222 -11.50 -0.97 -1.00
N GLY B 223 -11.31 0.03 -1.84
CA GLY B 223 -12.32 0.40 -2.82
C GLY B 223 -12.57 -0.76 -3.78
N GLN B 224 -11.50 -1.35 -4.30
CA GLN B 224 -11.62 -2.48 -5.21
C GLN B 224 -12.21 -3.70 -4.52
N LEU B 225 -11.83 -3.91 -3.27
CA LEU B 225 -12.30 -5.05 -2.53
C LEU B 225 -13.80 -4.96 -2.31
N SER B 226 -14.28 -3.78 -1.94
CA SER B 226 -15.70 -3.55 -1.72
C SER B 226 -16.48 -3.76 -3.01
N GLU B 227 -15.97 -3.20 -4.10
CA GLU B 227 -16.66 -3.30 -5.38
C GLU B 227 -16.88 -4.74 -5.79
N LYS B 228 -15.84 -5.57 -5.66
CA LYS B 228 -15.97 -6.95 -6.08
C LYS B 228 -16.85 -7.77 -5.15
N LEU B 229 -16.78 -7.50 -3.85
CA LEU B 229 -17.60 -8.25 -2.92
C LEU B 229 -19.08 -7.97 -3.13
N ILE B 230 -19.42 -6.71 -3.37
CA ILE B 230 -20.83 -6.40 -3.58
C ILE B 230 -21.32 -6.94 -4.91
N ASP B 231 -20.54 -6.78 -5.98
CA ASP B 231 -20.96 -7.27 -7.30
C ASP B 231 -21.21 -8.77 -7.30
N ASN B 232 -20.45 -9.51 -6.50
CA ASN B 232 -20.59 -10.96 -6.45
C ASN B 232 -21.52 -11.41 -5.32
N ASN B 233 -22.20 -10.45 -4.70
CA ASN B 233 -23.16 -10.68 -3.63
C ASN B 233 -22.58 -11.45 -2.46
N ILE B 234 -21.34 -11.13 -2.09
CA ILE B 234 -20.69 -11.80 -0.99
C ILE B 234 -20.62 -10.94 0.26
N ASN B 235 -21.17 -11.47 1.33
CA ASN B 235 -21.17 -10.81 2.63
C ASN B 235 -19.88 -11.21 3.32
N VAL B 236 -19.23 -10.28 4.01
CA VAL B 236 -17.97 -10.64 4.65
C VAL B 236 -17.97 -10.52 6.14
N ILE B 237 -17.51 -11.59 6.77
CA ILE B 237 -17.38 -11.64 8.20
C ILE B 237 -15.89 -11.66 8.53
N PHE B 238 -15.44 -10.67 9.30
CA PHE B 238 -14.04 -10.65 9.71
C PHE B 238 -13.91 -11.22 11.11
N ALA B 239 -13.08 -12.24 11.26
CA ALA B 239 -12.87 -12.85 12.55
C ALA B 239 -11.44 -12.59 12.98
N VAL B 240 -11.25 -11.65 13.91
CA VAL B 240 -9.89 -11.22 14.23
C VAL B 240 -9.55 -11.41 15.71
N GLN B 241 -8.45 -12.09 15.97
CA GLN B 241 -8.04 -12.40 17.34
C GLN B 241 -7.26 -11.33 18.08
N GLY B 242 -6.44 -10.56 17.38
CA GLY B 242 -5.54 -9.65 18.07
C GLY B 242 -6.17 -8.30 18.39
N LYS B 243 -5.34 -7.37 18.84
CA LYS B 243 -5.78 -6.01 19.17
C LYS B 243 -6.20 -5.31 17.90
N GLN B 244 -5.77 -5.87 16.78
CA GLN B 244 -6.02 -5.33 15.46
C GLN B 244 -7.47 -5.52 15.09
N PHE B 245 -8.22 -6.25 15.91
CA PHE B 245 -9.65 -6.34 15.73
C PHE B 245 -10.24 -4.96 15.57
N HIS B 246 -9.77 -4.01 16.38
CA HIS B 246 -10.30 -2.67 16.33
C HIS B 246 -9.95 -2.01 15.01
N TRP B 247 -8.80 -2.35 14.45
CA TRP B 247 -8.42 -1.80 13.16
C TRP B 247 -9.43 -2.25 12.12
N TYR B 248 -9.73 -3.54 12.12
CA TYR B 248 -10.69 -4.07 11.16
C TYR B 248 -12.10 -3.52 11.43
N LYS B 249 -12.47 -3.41 12.70
CA LYS B 249 -13.77 -2.86 13.06
C LYS B 249 -13.97 -1.47 12.50
N ASP B 250 -12.93 -0.66 12.57
CA ASP B 250 -13.03 0.73 12.17
C ASP B 250 -12.93 0.91 10.66
N LEU B 251 -12.78 -0.20 9.91
CA LEU B 251 -12.81 -0.13 8.47
C LEU B 251 -14.19 -0.48 7.96
N LEU B 252 -15.07 -0.92 8.86
CA LEU B 252 -16.38 -1.37 8.43
C LEU B 252 -17.18 -0.26 7.73
N PRO B 253 -17.15 1.01 8.19
CA PRO B 253 -17.83 2.13 7.57
C PRO B 253 -17.35 2.38 6.13
N LEU B 254 -16.19 1.82 5.79
CA LEU B 254 -15.63 2.00 4.46
C LEU B 254 -15.97 0.82 3.55
N LEU B 255 -16.58 -0.21 4.13
CA LEU B 255 -16.86 -1.46 3.43
C LEU B 255 -18.30 -1.93 3.64
N PRO B 256 -19.28 -1.39 2.91
CA PRO B 256 -20.68 -1.72 3.04
C PRO B 256 -20.86 -3.23 2.84
N GLY B 257 -21.77 -3.83 3.60
CA GLY B 257 -22.03 -5.26 3.45
C GLY B 257 -21.06 -6.13 4.24
N THR B 258 -20.33 -5.55 5.20
CA THR B 258 -19.39 -6.34 5.98
C THR B 258 -19.68 -6.21 7.46
N ILE B 259 -19.19 -7.18 8.21
CA ILE B 259 -19.33 -7.24 9.66
C ILE B 259 -18.07 -7.80 10.28
N ALA B 260 -17.76 -7.42 11.51
CA ALA B 260 -16.56 -7.96 12.14
C ALA B 260 -16.83 -8.36 13.57
N GLY B 261 -16.13 -9.40 14.02
CA GLY B 261 -16.21 -9.83 15.40
C GLY B 261 -14.83 -10.16 15.93
N GLU B 262 -14.75 -10.45 17.21
CA GLU B 262 -13.49 -10.75 17.86
C GLU B 262 -13.36 -12.22 18.17
N ILE B 263 -12.18 -12.77 17.92
CA ILE B 263 -11.91 -14.14 18.28
C ILE B 263 -11.34 -14.14 19.69
N GLU B 264 -11.86 -15.00 20.55
CA GLU B 264 -11.39 -15.08 21.93
C GLU B 264 -10.00 -15.69 21.98
N SER B 265 -9.28 -15.46 23.07
CA SER B 265 -7.90 -15.96 23.19
C SER B 265 -7.81 -17.48 23.12
N LYS B 266 -8.91 -18.17 23.38
CA LYS B 266 -8.97 -19.62 23.30
C LYS B 266 -9.76 -20.06 22.06
N ALA B 267 -10.13 -19.10 21.23
CA ALA B 267 -10.92 -19.32 20.01
C ALA B 267 -12.13 -20.18 20.29
N ALA B 268 -12.81 -19.94 21.40
CA ALA B 268 -13.96 -20.74 21.78
C ALA B 268 -15.23 -20.29 21.07
N ASN B 269 -15.14 -19.19 20.33
CA ASN B 269 -16.30 -18.61 19.68
C ASN B 269 -16.25 -18.60 18.17
N LEU B 270 -15.49 -19.50 17.55
CA LEU B 270 -15.44 -19.43 16.08
C LEU B 270 -16.79 -19.71 15.43
N ASN B 271 -17.53 -20.66 15.99
CA ASN B 271 -18.84 -21.00 15.41
C ASN B 271 -19.88 -20.00 15.85
N ASN B 272 -19.72 -19.46 17.06
CA ASN B 272 -20.67 -18.49 17.58
C ASN B 272 -20.53 -17.18 16.84
N LEU B 273 -19.31 -16.85 16.45
CA LEU B 273 -19.04 -15.62 15.73
C LEU B 273 -19.76 -15.69 14.40
N VAL B 274 -19.66 -16.83 13.70
CA VAL B 274 -20.30 -16.97 12.41
C VAL B 274 -21.81 -16.90 12.52
N VAL B 275 -22.39 -17.59 13.50
CA VAL B 275 -23.83 -17.59 13.64
C VAL B 275 -24.36 -16.23 14.03
N GLU B 276 -23.72 -15.56 14.99
CA GLU B 276 -24.19 -14.25 15.39
C GLU B 276 -24.02 -13.26 14.26
N ALA B 277 -22.90 -13.34 13.52
CA ALA B 277 -22.69 -12.44 12.41
C ALA B 277 -23.73 -12.68 11.34
N TYR B 278 -24.07 -13.94 11.10
CA TYR B 278 -25.10 -14.26 10.11
C TYR B 278 -26.42 -13.64 10.49
N GLN B 279 -26.83 -13.83 11.75
CA GLN B 279 -28.10 -13.32 12.20
C GLN B 279 -28.14 -11.81 12.14
N LYS B 280 -27.02 -11.17 12.43
CA LYS B 280 -26.95 -9.72 12.33
C LYS B 280 -27.04 -9.26 10.88
N LEU B 281 -26.33 -9.95 9.97
CA LEU B 281 -26.35 -9.54 8.57
C LEU B 281 -27.73 -9.61 7.95
N ILE B 282 -28.49 -10.65 8.28
CA ILE B 282 -29.82 -10.80 7.69
C ILE B 282 -30.85 -9.85 8.31
N SER B 283 -30.47 -9.14 9.37
CA SER B 283 -31.39 -8.24 10.06
C SER B 283 -31.20 -6.81 9.56
N GLU B 284 -30.22 -6.62 8.67
CA GLU B 284 -29.94 -5.30 8.15
C GLU B 284 -30.30 -5.21 6.68
N VAL B 285 -31.21 -4.31 6.35
CA VAL B 285 -31.61 -4.18 4.96
C VAL B 285 -31.32 -2.78 4.46
N LYS B 286 -30.43 -2.70 3.48
CA LYS B 286 -30.03 -1.44 2.90
C LYS B 286 -29.80 -1.62 1.43
N VAL B 287 -30.07 -0.59 0.66
CA VAL B 287 -29.89 -0.68 -0.78
C VAL B 287 -28.97 0.39 -1.28
N GLN B 288 -28.40 0.14 -2.43
CA GLN B 288 -27.59 1.11 -3.13
C GLN B 288 -27.97 1.06 -4.59
N VAL B 289 -27.76 2.17 -5.28
CA VAL B 289 -28.08 2.16 -6.70
C VAL B 289 -26.86 2.37 -7.56
N GLU B 290 -26.72 1.50 -8.55
CA GLU B 290 -25.64 1.64 -9.50
C GLU B 290 -26.21 2.40 -10.68
N ASN B 291 -25.90 3.68 -10.74
CA ASN B 291 -26.49 4.56 -11.73
C ASN B 291 -25.54 4.93 -12.85
N GLN B 292 -25.71 4.27 -13.99
CA GLN B 292 -24.89 4.52 -15.16
C GLN B 292 -25.65 5.36 -16.18
N VAL B 293 -26.82 5.85 -15.79
CA VAL B 293 -27.64 6.61 -16.72
C VAL B 293 -27.32 8.08 -16.59
N GLN B 294 -26.77 8.66 -17.65
CA GLN B 294 -26.32 10.04 -17.57
C GLN B 294 -27.47 11.01 -17.57
N GLY B 295 -27.37 12.01 -16.69
CA GLY B 295 -28.37 13.05 -16.58
C GLY B 295 -29.42 12.74 -15.54
N ILE B 296 -29.39 11.51 -15.00
CA ILE B 296 -30.37 11.06 -14.03
C ILE B 296 -29.82 10.95 -12.62
N TYR B 297 -30.55 11.52 -11.68
CA TYR B 297 -30.19 11.47 -10.27
C TYR B 297 -31.17 10.64 -9.44
N PHE B 298 -30.64 9.76 -8.61
CA PHE B 298 -31.47 8.93 -7.73
C PHE B 298 -31.38 9.37 -6.27
N ASN B 299 -32.55 9.45 -5.61
CA ASN B 299 -32.69 9.80 -4.19
C ASN B 299 -33.56 8.75 -3.48
N ILE B 300 -32.96 7.90 -2.64
CA ILE B 300 -33.65 6.79 -1.97
C ILE B 300 -33.72 6.97 -0.46
N THR B 301 -34.92 6.84 0.11
CA THR B 301 -35.11 6.92 1.57
C THR B 301 -35.79 5.65 2.08
N ALA B 302 -35.22 5.04 3.12
CA ALA B 302 -35.81 3.83 3.68
C ALA B 302 -36.88 4.16 4.69
N ILE B 303 -37.96 3.40 4.65
CA ILE B 303 -39.03 3.49 5.64
C ILE B 303 -39.00 2.19 6.45
N CYS B 304 -38.62 2.31 7.73
CA CYS B 304 -38.33 1.17 8.58
C CYS B 304 -39.59 0.64 9.27
N PRO B 305 -39.59 -0.63 9.68
CA PRO B 305 -40.65 -1.30 10.42
C PRO B 305 -41.11 -0.55 11.67
N ASP B 306 -40.22 0.23 12.29
CA ASP B 306 -40.59 0.96 13.49
C ASP B 306 -41.09 2.38 13.19
N GLY B 307 -41.23 2.72 11.91
CA GLY B 307 -41.74 4.02 11.47
C GLY B 307 -40.66 5.06 11.22
N SER B 308 -39.43 4.76 11.59
CA SER B 308 -38.35 5.72 11.38
C SER B 308 -37.94 5.78 9.93
N ARG B 309 -37.22 6.84 9.56
CA ARG B 309 -36.72 6.98 8.21
C ARG B 309 -35.21 7.08 8.20
N LYS B 310 -34.60 6.43 7.21
CA LYS B 310 -33.14 6.43 7.07
C LYS B 310 -32.75 6.61 5.59
N PRO B 311 -32.01 7.68 5.24
CA PRO B 311 -31.65 8.05 3.89
C PRO B 311 -30.59 7.14 3.27
N GLY B 312 -30.64 7.03 1.95
CA GLY B 312 -29.61 6.38 1.16
C GLY B 312 -29.42 4.93 1.57
N MET B 313 -28.15 4.55 1.74
CA MET B 313 -27.83 3.20 2.15
C MET B 313 -27.59 3.10 3.64
N GLU B 314 -28.03 4.10 4.41
CA GLU B 314 -27.87 4.01 5.85
C GLU B 314 -28.58 2.74 6.31
N GLY B 315 -29.78 2.51 5.76
CA GLY B 315 -30.50 1.27 5.95
C GLY B 315 -31.33 1.16 7.21
N CYS B 316 -32.16 0.11 7.25
CA CYS B 316 -33.01 -0.23 8.39
C CYS B 316 -32.41 -1.40 9.16
N ARG B 317 -32.58 -1.39 10.47
CA ARG B 317 -32.08 -2.52 11.30
C ARG B 317 -33.25 -3.21 11.98
N ASN B 318 -33.00 -4.38 12.55
CA ASN B 318 -34.05 -5.27 13.14
C ASN B 318 -35.11 -5.57 12.10
N VAL B 319 -34.71 -5.77 10.84
CA VAL B 319 -35.67 -6.28 9.84
C VAL B 319 -35.86 -7.78 10.06
N THR B 320 -36.92 -8.15 10.80
CA THR B 320 -37.22 -9.57 11.01
C THR B 320 -37.72 -10.17 9.72
N SER B 321 -38.14 -11.42 9.75
CA SER B 321 -38.80 -11.93 8.54
C SER B 321 -40.27 -11.65 8.76
N ASN B 322 -41.10 -12.14 7.87
CA ASN B 322 -42.48 -11.69 8.01
C ASN B 322 -42.50 -10.20 8.35
N ASP B 323 -41.62 -9.45 7.69
CA ASP B 323 -41.45 -8.02 7.92
C ASP B 323 -40.97 -7.33 6.66
N GLU B 324 -41.79 -6.49 6.07
CA GLU B 324 -41.45 -5.85 4.81
C GLU B 324 -40.84 -4.47 5.03
N VAL B 325 -39.73 -4.20 4.37
CA VAL B 325 -39.05 -2.91 4.46
C VAL B 325 -39.32 -2.14 3.18
N LEU B 326 -39.69 -0.87 3.29
CA LEU B 326 -40.02 -0.13 2.09
C LEU B 326 -39.01 0.94 1.76
N PHE B 327 -38.61 0.99 0.51
CA PHE B 327 -37.69 2.00 0.06
C PHE B 327 -38.36 2.95 -0.93
N ASN B 328 -38.38 4.24 -0.58
CA ASN B 328 -39.00 5.29 -1.40
C ASN B 328 -37.97 5.82 -2.40
N VAL B 329 -38.16 5.46 -3.69
CA VAL B 329 -37.19 5.77 -4.74
C VAL B 329 -37.66 6.90 -5.63
N THR B 330 -36.94 8.01 -5.59
CA THR B 330 -37.27 9.16 -6.43
C THR B 330 -36.21 9.29 -7.51
N VAL B 331 -36.65 9.36 -8.76
CA VAL B 331 -35.71 9.47 -9.85
C VAL B 331 -36.00 10.75 -10.61
N THR B 332 -35.00 11.59 -10.79
CA THR B 332 -35.21 12.84 -11.49
C THR B 332 -34.18 13.10 -12.56
N MET B 333 -34.60 13.82 -13.59
CA MET B 333 -33.71 14.18 -14.67
C MET B 333 -33.28 15.62 -14.55
N LYS B 334 -31.98 15.86 -14.61
CA LYS B 334 -31.45 17.20 -14.46
C LYS B 334 -30.95 17.75 -15.77
N LYS B 335 -30.35 16.89 -16.58
CA LYS B 335 -29.79 17.34 -17.85
C LYS B 335 -29.95 16.29 -18.93
N CYS B 336 -29.91 16.76 -20.19
CA CYS B 336 -30.01 15.94 -21.40
C CYS B 336 -28.66 15.33 -21.76
N ASP B 337 -28.68 14.05 -22.16
CA ASP B 337 -27.48 13.35 -22.56
C ASP B 337 -27.85 12.06 -23.30
N ASN B 338 -30.70 3.46 -21.61
CA ASN B 338 -29.90 2.88 -20.55
C ASN B 338 -30.82 2.55 -19.35
N TYR B 339 -30.23 1.97 -18.29
CA TYR B 339 -30.93 1.53 -17.07
C TYR B 339 -30.01 1.62 -15.86
N ALA B 340 -30.62 1.57 -14.68
CA ALA B 340 -29.88 1.57 -13.42
C ALA B 340 -30.33 0.40 -12.56
N ILE B 341 -29.45 -0.09 -11.68
CA ILE B 341 -29.86 -1.19 -10.82
C ILE B 341 -29.88 -0.82 -9.34
N ILE B 342 -31.03 -1.06 -8.71
CA ILE B 342 -31.16 -0.83 -7.28
C ILE B 342 -31.18 -2.16 -6.58
N LYS B 343 -30.22 -2.38 -5.70
CA LYS B 343 -30.17 -3.68 -5.05
C LYS B 343 -29.86 -3.58 -3.58
N PRO B 344 -30.48 -4.43 -2.75
CA PRO B 344 -30.11 -4.70 -1.39
C PRO B 344 -28.72 -5.28 -1.36
N ILE B 345 -27.92 -4.84 -0.42
CA ILE B 345 -26.57 -5.33 -0.33
C ILE B 345 -26.57 -6.68 0.37
N GLY B 346 -25.99 -7.67 -0.28
CA GLY B 346 -25.92 -9.02 0.25
C GLY B 346 -27.05 -9.95 -0.22
N PHE B 347 -27.92 -9.45 -1.10
CA PHE B 347 -29.04 -10.22 -1.65
C PHE B 347 -28.75 -10.59 -3.12
N ASN B 348 -29.31 -11.73 -3.60
CA ASN B 348 -29.07 -12.20 -4.98
C ASN B 348 -30.16 -11.76 -5.98
N GLU B 349 -31.07 -10.87 -5.56
CA GLU B 349 -32.14 -10.30 -6.41
C GLU B 349 -31.99 -8.80 -6.49
N THR B 350 -32.25 -8.25 -7.66
CA THR B 350 -32.14 -6.82 -7.84
C THR B 350 -33.35 -6.27 -8.58
N ALA B 351 -33.59 -4.96 -8.43
CA ALA B 351 -34.63 -4.29 -9.20
C ALA B 351 -34.01 -3.45 -10.30
N LYS B 352 -34.32 -3.79 -11.54
CA LYS B 352 -33.74 -3.07 -12.67
C LYS B 352 -34.70 -2.01 -13.17
N ILE B 353 -34.23 -0.76 -13.24
CA ILE B 353 -35.09 0.31 -13.72
C ILE B 353 -34.60 0.86 -15.05
N HIS B 354 -35.51 0.88 -16.03
CA HIS B 354 -35.23 1.38 -17.36
C HIS B 354 -35.77 2.78 -17.49
N ILE B 355 -34.95 3.70 -17.97
CA ILE B 355 -35.40 5.08 -18.02
C ILE B 355 -35.49 5.65 -19.42
N HIS B 356 -36.72 5.94 -19.85
CA HIS B 356 -36.94 6.61 -21.12
C HIS B 356 -36.80 8.09 -20.86
N ARG B 357 -36.23 8.82 -21.79
CA ARG B 357 -36.11 10.24 -21.57
C ARG B 357 -36.28 11.04 -22.85
N ASN B 358 -36.76 12.26 -22.68
CA ASN B 358 -36.90 13.19 -23.80
C ASN B 358 -36.64 14.62 -23.34
N CYS B 359 -36.31 15.50 -24.29
CA CYS B 359 -36.03 16.91 -24.04
C CYS B 359 -36.80 17.79 -25.03
N THR C 1 28.88 -10.14 37.79
CA THR C 1 28.06 -10.12 38.99
C THR C 1 26.58 -10.37 38.61
N LYS C 2 25.83 -9.30 38.31
CA LYS C 2 24.41 -9.34 37.90
C LYS C 2 24.07 -8.20 36.93
N CYS C 3 23.35 -8.54 35.84
CA CYS C 3 22.84 -7.59 34.84
C CYS C 3 21.42 -7.93 34.42
N VAL C 4 20.83 -7.06 33.62
CA VAL C 4 19.52 -7.32 33.02
C VAL C 4 19.61 -7.24 31.50
N VAL C 5 19.13 -8.28 30.82
CA VAL C 5 19.15 -8.32 29.37
C VAL C 5 17.75 -8.49 28.79
N ARG C 6 17.36 -7.61 27.87
CA ARG C 6 16.04 -7.70 27.25
C ARG C 6 16.10 -7.95 25.76
N PHE C 7 15.31 -8.93 25.32
CA PHE C 7 15.21 -9.31 23.92
C PHE C 7 13.86 -8.96 23.34
N ASN C 8 13.86 -8.13 22.29
CA ASN C 8 12.62 -7.72 21.64
C ASN C 8 12.38 -8.49 20.35
N PHE C 9 11.26 -9.22 20.31
CA PHE C 9 10.92 -10.11 19.21
C PHE C 9 9.84 -9.48 18.35
N ARG C 10 10.11 -9.37 17.05
CA ARG C 10 9.20 -8.72 16.13
C ARG C 10 8.98 -9.55 14.86
N GLY C 11 7.88 -9.30 14.17
CA GLY C 11 7.61 -9.96 12.89
C GLY C 11 6.77 -11.22 13.04
N ASP C 12 6.51 -11.88 11.90
CA ASP C 12 5.63 -13.05 11.84
C ASP C 12 6.20 -14.22 12.64
N MET C 13 7.52 -14.28 12.74
CA MET C 13 8.20 -15.37 13.43
C MET C 13 8.51 -15.02 14.88
N ALA C 14 7.96 -13.91 15.38
CA ALA C 14 8.32 -13.47 16.73
C ALA C 14 8.12 -14.56 17.78
N VAL C 15 7.08 -15.35 17.64
CA VAL C 15 6.81 -16.38 18.64
C VAL C 15 7.69 -17.63 18.48
N TYR C 16 8.23 -17.83 17.28
CA TYR C 16 9.11 -18.96 17.03
C TYR C 16 10.48 -18.61 17.55
N ALA C 17 10.85 -17.36 17.33
CA ALA C 17 12.10 -16.83 17.80
C ALA C 17 12.09 -16.79 19.31
N LEU C 18 10.95 -16.45 19.90
CA LEU C 18 10.83 -16.42 21.34
C LEU C 18 11.06 -17.81 21.90
N LYS C 19 10.44 -18.81 21.29
CA LYS C 19 10.61 -20.17 21.77
C LYS C 19 12.05 -20.62 21.62
N ALA C 20 12.68 -20.31 20.48
CA ALA C 20 14.05 -20.73 20.25
C ALA C 20 15.01 -20.12 21.27
N VAL C 21 14.82 -18.84 21.56
CA VAL C 21 15.68 -18.15 22.51
C VAL C 21 15.39 -18.63 23.91
N LYS C 22 14.11 -18.77 24.26
CA LYS C 22 13.74 -19.21 25.59
C LYS C 22 14.30 -20.61 25.88
N ASP C 23 14.20 -21.53 24.92
CA ASP C 23 14.72 -22.88 25.14
C ASP C 23 16.23 -22.87 25.31
N HIS C 24 16.92 -22.04 24.53
CA HIS C 24 18.36 -21.94 24.66
C HIS C 24 18.73 -21.45 26.05
N LEU C 25 18.08 -20.37 26.49
CA LEU C 25 18.38 -19.79 27.77
C LEU C 25 18.08 -20.75 28.90
N LYS C 26 17.01 -21.53 28.77
CA LYS C 26 16.69 -22.50 29.81
C LYS C 26 17.78 -23.55 29.95
N LYS C 27 18.41 -23.94 28.84
CA LYS C 27 19.48 -24.92 28.92
C LYS C 27 20.78 -24.33 29.45
N GLU C 28 21.09 -23.10 29.04
CA GLU C 28 22.32 -22.44 29.48
C GLU C 28 22.22 -21.97 30.94
N GLY C 29 21.02 -21.60 31.35
CA GLY C 29 20.77 -21.12 32.70
C GLY C 29 19.43 -21.60 33.23
N PRO C 30 19.34 -22.86 33.68
CA PRO C 30 18.15 -23.55 34.14
C PRO C 30 17.46 -22.83 35.30
N HIS C 31 18.20 -21.97 35.99
CA HIS C 31 17.69 -21.25 37.14
C HIS C 31 17.79 -19.73 36.98
N TRP C 32 17.80 -19.25 35.74
CA TRP C 32 17.78 -17.82 35.48
C TRP C 32 16.38 -17.28 35.58
N ASN C 33 16.24 -16.02 35.95
CA ASN C 33 14.91 -15.43 36.02
C ASN C 33 14.47 -15.01 34.63
N ILE C 34 13.86 -15.95 33.92
CA ILE C 34 13.42 -15.72 32.54
C ILE C 34 11.94 -15.39 32.52
N THR C 35 11.62 -14.17 32.14
CA THR C 35 10.23 -13.72 32.07
C THR C 35 9.87 -13.36 30.64
N THR C 36 8.72 -13.83 30.18
CA THR C 36 8.30 -13.54 28.82
C THR C 36 6.92 -12.89 28.78
N HIS C 37 6.70 -12.13 27.72
CA HIS C 37 5.41 -11.48 27.47
C HIS C 37 5.01 -11.66 26.01
N ASN C 38 3.77 -12.10 25.78
CA ASN C 38 3.26 -12.25 24.41
C ASN C 38 2.11 -11.28 24.13
N ASP C 39 1.99 -10.26 24.96
CA ASP C 39 0.87 -9.32 24.85
C ASP C 39 1.22 -8.07 24.06
N ASP C 40 0.72 -8.01 22.83
CA ASP C 40 0.99 -6.89 21.91
C ASP C 40 2.45 -6.83 21.48
N GLU C 41 3.33 -6.48 22.41
CA GLU C 41 4.76 -6.42 22.14
C GLU C 41 5.41 -7.64 22.75
N VAL C 42 6.05 -8.46 21.93
CA VAL C 42 6.62 -9.70 22.41
C VAL C 42 8.06 -9.50 22.87
N TYR C 43 8.35 -9.88 24.11
CA TYR C 43 9.72 -9.73 24.60
C TYR C 43 10.07 -10.70 25.72
N LEU C 44 11.37 -10.88 25.91
CA LEU C 44 11.93 -11.75 26.94
C LEU C 44 12.95 -10.99 27.78
N VAL C 45 12.87 -11.12 29.10
CA VAL C 45 13.82 -10.46 29.97
C VAL C 45 14.49 -11.43 30.93
N VAL C 46 15.82 -11.35 31.02
CA VAL C 46 16.53 -12.16 31.99
C VAL C 46 17.21 -11.28 33.04
N ARG C 47 16.84 -11.51 34.29
CA ARG C 47 17.37 -10.71 35.39
C ARG C 47 18.28 -11.53 36.29
N GLY C 48 19.44 -10.96 36.62
CA GLY C 48 20.37 -11.65 37.49
C GLY C 48 21.34 -12.50 36.68
N ILE C 49 21.54 -12.10 35.43
CA ILE C 49 22.45 -12.82 34.55
C ILE C 49 23.85 -12.46 34.99
N HIS C 50 24.77 -13.44 35.05
CA HIS C 50 26.08 -13.16 35.61
C HIS C 50 27.03 -12.40 34.68
N GLU C 51 26.70 -11.15 34.46
CA GLU C 51 27.48 -10.18 33.70
C GLU C 51 28.05 -10.65 32.36
N SER C 52 29.03 -11.56 32.40
CA SER C 52 29.68 -12.02 31.17
C SER C 52 28.71 -12.86 30.37
N ASP C 53 27.77 -13.47 31.08
CA ASP C 53 26.74 -14.28 30.47
C ASP C 53 25.85 -13.45 29.56
N ALA C 54 25.81 -12.14 29.80
CA ALA C 54 24.99 -11.25 28.99
C ALA C 54 25.52 -11.19 27.57
N LYS C 55 26.84 -11.27 27.43
CA LYS C 55 27.44 -11.17 26.12
C LYS C 55 27.43 -12.54 25.48
N ARG C 56 27.53 -13.57 26.30
CA ARG C 56 27.57 -14.93 25.81
C ARG C 56 26.24 -15.29 25.13
N ILE C 57 25.13 -14.88 25.72
CA ILE C 57 23.84 -15.17 25.11
C ILE C 57 23.54 -14.23 23.96
N ALA C 58 23.98 -12.97 24.04
CA ALA C 58 23.74 -12.07 22.95
C ALA C 58 24.46 -12.55 21.70
N LYS C 59 25.67 -13.08 21.86
CA LYS C 59 26.43 -13.61 20.73
C LYS C 59 25.74 -14.82 20.12
N TRP C 60 25.24 -15.70 20.98
CA TRP C 60 24.56 -16.88 20.47
C TRP C 60 23.36 -16.47 19.63
N VAL C 61 22.58 -15.51 20.12
CA VAL C 61 21.41 -15.09 19.38
C VAL C 61 21.82 -14.44 18.06
N GLU C 62 22.80 -13.56 18.07
CA GLU C 62 23.20 -12.88 16.83
C GLU C 62 23.61 -13.87 15.73
N SER C 63 24.26 -14.95 16.10
CA SER C 63 24.74 -15.94 15.15
C SER C 63 23.70 -17.00 14.77
N THR C 64 22.51 -16.94 15.38
CA THR C 64 21.47 -17.94 15.14
C THR C 64 20.17 -17.30 14.69
N ILE C 65 19.33 -16.89 15.64
CA ILE C 65 18.04 -16.30 15.31
C ILE C 65 18.27 -14.93 14.64
N PRO C 66 17.81 -14.74 13.39
CA PRO C 66 18.08 -13.62 12.52
C PRO C 66 18.14 -12.23 13.14
N GLY C 67 17.03 -11.72 13.65
CA GLY C 67 17.04 -10.31 14.07
C GLY C 67 16.28 -10.02 15.34
N ILE C 68 16.98 -10.17 16.46
CA ILE C 68 16.42 -9.89 17.78
C ILE C 68 17.14 -8.71 18.38
N SER C 69 16.40 -7.69 18.80
CA SER C 69 17.04 -6.53 19.37
C SER C 69 17.33 -6.77 20.82
N VAL C 70 18.60 -6.69 21.20
CA VAL C 70 18.95 -6.99 22.58
C VAL C 70 19.55 -5.79 23.28
N GLU C 71 19.00 -5.49 24.46
CA GLU C 71 19.45 -4.38 25.27
C GLU C 71 20.04 -4.86 26.58
N THR C 72 21.29 -4.51 26.85
CA THR C 72 21.93 -4.93 28.09
C THR C 72 22.17 -3.75 29.02
N GLN C 73 21.69 -3.88 30.24
CA GLN C 73 21.89 -2.85 31.25
C GLN C 73 22.61 -3.43 32.48
N CYS C 74 23.82 -2.93 32.77
CA CYS C 74 24.67 -3.38 33.89
C CYS C 74 24.97 -2.22 34.81
N ASP C 75 25.15 -2.53 36.09
CA ASP C 75 25.50 -1.56 37.11
C ASP C 75 27.00 -1.63 37.44
#